data_5VCI
# 
_entry.id   5VCI 
# 
_audit_conform.dict_name       mmcif_pdbx.dic 
_audit_conform.dict_version    5.379 
_audit_conform.dict_location   http://mmcif.pdb.org/dictionaries/ascii/mmcif_pdbx.dic 
# 
loop_
_database_2.database_id 
_database_2.database_code 
_database_2.pdbx_database_accession 
_database_2.pdbx_DOI 
PDB   5VCI         pdb_00005vci 10.2210/pdb5vci/pdb 
WWPDB D_1000227222 ?            ?                   
# 
_pdbx_database_related.content_type   unspecified 
_pdbx_database_related.db_id          5VCF 
_pdbx_database_related.db_name        PDB 
_pdbx_database_related.details        . 
# 
_pdbx_database_status.status_code                     REL 
_pdbx_database_status.status_code_sf                  REL 
_pdbx_database_status.status_code_mr                  ? 
_pdbx_database_status.entry_id                        5VCI 
_pdbx_database_status.recvd_initial_deposition_date   2017-03-31 
_pdbx_database_status.SG_entry                        N 
_pdbx_database_status.deposit_site                    RCSB 
_pdbx_database_status.process_site                    RCSB 
_pdbx_database_status.status_code_cs                  ? 
_pdbx_database_status.methods_development_category    ? 
_pdbx_database_status.pdb_format_compatible           Y 
_pdbx_database_status.status_code_nmr_data            ? 
# 
loop_
_audit_author.name 
_audit_author.pdbx_ordinal 
_audit_author.identifier_ORCID 
'Szostak, J.W.' 1 ? 
'Zhang, W.'     2 ? 
# 
_citation.abstract                  ? 
_citation.abstract_id_CAS           ? 
_citation.book_id_ISBN              ? 
_citation.book_publisher            ? 
_citation.book_publisher_city       ? 
_citation.book_title                ? 
_citation.coordinate_linkage        ? 
_citation.country                   US 
_citation.database_id_Medline       ? 
_citation.details                   ? 
_citation.id                        primary 
_citation.journal_abbrev            'J. Am. Chem. Soc.' 
_citation.journal_id_ASTM           JACSAT 
_citation.journal_id_CSD            ? 
_citation.journal_id_ISSN           1520-5126 
_citation.journal_full              ? 
_citation.journal_issue             ? 
_citation.journal_volume            140 
_citation.language                  ? 
_citation.page_first                2829 
_citation.page_last                 2840 
_citation.title                     
'Structural Rationale for the Enhanced Catalysis of Nonenzymatic RNA Primer Extension by a Downstream Oligonucleotide.' 
_citation.year                      2018 
_citation.database_id_CSD           ? 
_citation.pdbx_database_id_DOI      10.1021/jacs.7b11750 
_citation.pdbx_database_id_PubMed   29411978 
_citation.unpublished_flag          ? 
# 
loop_
_citation_author.citation_id 
_citation_author.name 
_citation_author.ordinal 
_citation_author.identifier_ORCID 
primary 'Zhang, W.'     1 ? 
primary 'Tam, C.P.'     2 ? 
primary 'Zhou, L.'      3 ? 
primary 'Oh, S.S.'      4 ? 
primary 'Wang, J.'      5 ? 
primary 'Szostak, J.W.' 6 ? 
# 
_cell.angle_alpha                  90.00 
_cell.angle_alpha_esd              ? 
_cell.angle_beta                   90.00 
_cell.angle_beta_esd               ? 
_cell.angle_gamma                  120.00 
_cell.angle_gamma_esd              ? 
_cell.entry_id                     5VCI 
_cell.details                      ? 
_cell.formula_units_Z              ? 
_cell.length_a                     69.612 
_cell.length_a_esd                 ? 
_cell.length_b                     69.612 
_cell.length_b_esd                 ? 
_cell.length_c                     70.853 
_cell.length_c_esd                 ? 
_cell.volume                       ? 
_cell.volume_esd                   ? 
_cell.Z_PDB                        9 
_cell.reciprocal_angle_alpha       ? 
_cell.reciprocal_angle_beta        ? 
_cell.reciprocal_angle_gamma       ? 
_cell.reciprocal_angle_alpha_esd   ? 
_cell.reciprocal_angle_beta_esd    ? 
_cell.reciprocal_angle_gamma_esd   ? 
_cell.reciprocal_length_a          ? 
_cell.reciprocal_length_b          ? 
_cell.reciprocal_length_c          ? 
_cell.reciprocal_length_a_esd      ? 
_cell.reciprocal_length_b_esd      ? 
_cell.reciprocal_length_c_esd      ? 
_cell.pdbx_unique_axis             ? 
# 
_symmetry.entry_id                         5VCI 
_symmetry.cell_setting                     ? 
_symmetry.Int_Tables_number                146 
_symmetry.space_group_name_Hall            ? 
_symmetry.space_group_name_H-M             'H 3' 
_symmetry.pdbx_full_space_group_name_H-M   ? 
# 
loop_
_entity.id 
_entity.type 
_entity.src_method 
_entity.pdbx_description 
_entity.formula_weight 
_entity.pdbx_number_of_molecules 
_entity.pdbx_ec 
_entity.pdbx_mutation 
_entity.pdbx_fragment 
_entity.details 
1 polymer     syn 
;RNA (5'-R(*CP*UP*GP*CP*UP*GP*GP*CP*UP*AP*AP*GP*GP*CP*CP*CP*GP*AP*AP*AP*GP*G)-3')
;
7112.306 1 ? ? ? ? 
2 polymer     syn 
;RNA (5'-R(P*CP*UP*AP*UP*GP*CP*CP*UP*GP*CP*UP*G)-3')
;
3765.256 1 ? ? ? ? 
3 non-polymer syn "5'-O-[(S)-hydroxy(4-methyl-1H-imidazol-5-yl)phosphoryl]guanosine"                 427.309  1 ? ? ? ? 
4 water       nat water                                                                              18.015   1 ? ? ? ? 
# 
loop_
_entity_poly.entity_id 
_entity_poly.type 
_entity_poly.nstd_linkage 
_entity_poly.nstd_monomer 
_entity_poly.pdbx_seq_one_letter_code 
_entity_poly.pdbx_seq_one_letter_code_can 
_entity_poly.pdbx_strand_id 
_entity_poly.pdbx_target_identifier 
1 polyribonucleotide no no CUGCUGGCUAAGGCCCGAAAGG CUGCUGGCUAAGGCCCGAAAGG A ? 
2 polyribonucleotide no no CUAUGCCUGCUG           CUAUGCCUGCUG           B ? 
# 
loop_
_entity_poly_seq.entity_id 
_entity_poly_seq.num 
_entity_poly_seq.mon_id 
_entity_poly_seq.hetero 
1 1  C n 
1 2  U n 
1 3  G n 
1 4  C n 
1 5  U n 
1 6  G n 
1 7  G n 
1 8  C n 
1 9  U n 
1 10 A n 
1 11 A n 
1 12 G n 
1 13 G n 
1 14 C n 
1 15 C n 
1 16 C n 
1 17 G n 
1 18 A n 
1 19 A n 
1 20 A n 
1 21 G n 
1 22 G n 
2 1  C n 
2 2  U n 
2 3  A n 
2 4  U n 
2 5  G n 
2 6  C n 
2 7  C n 
2 8  U n 
2 9  G n 
2 10 C n 
2 11 U n 
2 12 G n 
# 
loop_
_pdbx_entity_src_syn.entity_id 
_pdbx_entity_src_syn.pdbx_src_id 
_pdbx_entity_src_syn.pdbx_alt_source_flag 
_pdbx_entity_src_syn.pdbx_beg_seq_num 
_pdbx_entity_src_syn.pdbx_end_seq_num 
_pdbx_entity_src_syn.organism_scientific 
_pdbx_entity_src_syn.organism_common_name 
_pdbx_entity_src_syn.ncbi_taxonomy_id 
_pdbx_entity_src_syn.details 
1 1 sample 1 22 'synthetic construct' ? 32630 ? 
2 1 sample 1 12 'synthetic construct' ? 32630 ? 
# 
loop_
_struct_ref.id 
_struct_ref.db_name 
_struct_ref.db_code 
_struct_ref.pdbx_db_accession 
_struct_ref.pdbx_db_isoform 
_struct_ref.entity_id 
_struct_ref.pdbx_seq_one_letter_code 
_struct_ref.pdbx_align_begin 
1 PDB 5VCI 5VCI ? 1 ? 1 
2 PDB 5VCI 5VCI ? 2 ? 1 
# 
loop_
_struct_ref_seq.align_id 
_struct_ref_seq.ref_id 
_struct_ref_seq.pdbx_PDB_id_code 
_struct_ref_seq.pdbx_strand_id 
_struct_ref_seq.seq_align_beg 
_struct_ref_seq.pdbx_seq_align_beg_ins_code 
_struct_ref_seq.seq_align_end 
_struct_ref_seq.pdbx_seq_align_end_ins_code 
_struct_ref_seq.pdbx_db_accession 
_struct_ref_seq.db_align_beg 
_struct_ref_seq.pdbx_db_align_beg_ins_code 
_struct_ref_seq.db_align_end 
_struct_ref_seq.pdbx_db_align_end_ins_code 
_struct_ref_seq.pdbx_auth_seq_align_beg 
_struct_ref_seq.pdbx_auth_seq_align_end 
1 1 5VCI A 1 ? 22 ? 5VCI 1 ? 22 ? 1 22 
2 2 5VCI B 1 ? 12 ? 5VCI 1 ? 12 ? 1 12 
# 
loop_
_chem_comp.id 
_chem_comp.type 
_chem_comp.mon_nstd_flag 
_chem_comp.name 
_chem_comp.pdbx_synonyms 
_chem_comp.formula 
_chem_comp.formula_weight 
8OS 'RNA linking' n "5'-O-[(S)-hydroxy(4-methyl-1H-imidazol-5-yl)phosphoryl]guanosine" ? 'C14 H18 N7 O7 P' 427.309 
A   'RNA linking' y "ADENOSINE-5'-MONOPHOSPHATE"                                       ? 'C10 H14 N5 O7 P' 347.221 
C   'RNA linking' y "CYTIDINE-5'-MONOPHOSPHATE"                                        ? 'C9 H14 N3 O8 P'  323.197 
G   'RNA linking' y "GUANOSINE-5'-MONOPHOSPHATE"                                       ? 'C10 H14 N5 O8 P' 363.221 
HOH non-polymer   . WATER                                                              ? 'H2 O'            18.015  
U   'RNA linking' y "URIDINE-5'-MONOPHOSPHATE"                                         ? 'C9 H13 N2 O9 P'  324.181 
# 
_exptl.absorpt_coefficient_mu     ? 
_exptl.absorpt_correction_T_max   ? 
_exptl.absorpt_correction_T_min   ? 
_exptl.absorpt_correction_type    ? 
_exptl.absorpt_process_details    ? 
_exptl.entry_id                   5VCI 
_exptl.crystals_number            1 
_exptl.details                    ? 
_exptl.method                     'X-RAY DIFFRACTION' 
_exptl.method_details             ? 
# 
_exptl_crystal.colour                      ? 
_exptl_crystal.density_diffrn              ? 
_exptl_crystal.density_Matthews            3.2 
_exptl_crystal.density_method              ? 
_exptl_crystal.density_percent_sol         61.5 
_exptl_crystal.description                 ? 
_exptl_crystal.F_000                       ? 
_exptl_crystal.id                          1 
_exptl_crystal.preparation                 ? 
_exptl_crystal.size_max                    ? 
_exptl_crystal.size_mid                    ? 
_exptl_crystal.size_min                    ? 
_exptl_crystal.size_rad                    ? 
_exptl_crystal.colour_lustre               ? 
_exptl_crystal.colour_modifier             ? 
_exptl_crystal.colour_primary              ? 
_exptl_crystal.density_meas                ? 
_exptl_crystal.density_meas_esd            ? 
_exptl_crystal.density_meas_gt             ? 
_exptl_crystal.density_meas_lt             ? 
_exptl_crystal.density_meas_temp           ? 
_exptl_crystal.density_meas_temp_esd       ? 
_exptl_crystal.density_meas_temp_gt        ? 
_exptl_crystal.density_meas_temp_lt        ? 
_exptl_crystal.pdbx_crystal_image_url      ? 
_exptl_crystal.pdbx_crystal_image_format   ? 
_exptl_crystal.pdbx_mosaicity              ? 
_exptl_crystal.pdbx_mosaicity_esd          ? 
# 
_exptl_crystal_grow.apparatus       ? 
_exptl_crystal_grow.atmosphere      ? 
_exptl_crystal_grow.crystal_id      1 
_exptl_crystal_grow.details         ? 
_exptl_crystal_grow.method          'VAPOR DIFFUSION, SITTING DROP' 
_exptl_crystal_grow.method_ref      ? 
_exptl_crystal_grow.pH              7.0 
_exptl_crystal_grow.pressure        ? 
_exptl_crystal_grow.pressure_esd    ? 
_exptl_crystal_grow.seeding         ? 
_exptl_crystal_grow.seeding_ref     ? 
_exptl_crystal_grow.temp            291 
_exptl_crystal_grow.temp_details    ? 
_exptl_crystal_grow.temp_esd        ? 
_exptl_crystal_grow.time            ? 
_exptl_crystal_grow.pdbx_details    
'50 mM MgCl2, 0.2 M Lithium sulfate monohydrate, 0.1 M BIS-TRIS pH 7.0, 25% w/v Polyethylene glycol 3,350' 
_exptl_crystal_grow.pdbx_pH_range   ? 
# 
_diffrn.ambient_environment    ? 
_diffrn.ambient_temp           99 
_diffrn.ambient_temp_details   ? 
_diffrn.ambient_temp_esd       ? 
_diffrn.crystal_id             1 
_diffrn.crystal_support        ? 
_diffrn.crystal_treatment      ? 
_diffrn.details                ? 
_diffrn.id                     1 
_diffrn.ambient_pressure       ? 
_diffrn.ambient_pressure_esd   ? 
_diffrn.ambient_pressure_gt    ? 
_diffrn.ambient_pressure_lt    ? 
_diffrn.ambient_temp_gt        ? 
_diffrn.ambient_temp_lt        ? 
# 
_diffrn_detector.details                      ? 
_diffrn_detector.detector                     CCD 
_diffrn_detector.diffrn_id                    1 
_diffrn_detector.type                         'ADSC QUANTUM 315' 
_diffrn_detector.area_resol_mean              ? 
_diffrn_detector.dtime                        ? 
_diffrn_detector.pdbx_frames_total            ? 
_diffrn_detector.pdbx_collection_time_total   ? 
_diffrn_detector.pdbx_collection_date         2016-10-28 
# 
_diffrn_radiation.collimation                      ? 
_diffrn_radiation.diffrn_id                        1 
_diffrn_radiation.filter_edge                      ? 
_diffrn_radiation.inhomogeneity                    ? 
_diffrn_radiation.monochromator                    ? 
_diffrn_radiation.polarisn_norm                    ? 
_diffrn_radiation.polarisn_ratio                   ? 
_diffrn_radiation.probe                            ? 
_diffrn_radiation.type                             ? 
_diffrn_radiation.xray_symbol                      ? 
_diffrn_radiation.wavelength_id                    1 
_diffrn_radiation.pdbx_monochromatic_or_laue_m_l   M 
_diffrn_radiation.pdbx_wavelength_list             ? 
_diffrn_radiation.pdbx_wavelength                  ? 
_diffrn_radiation.pdbx_diffrn_protocol             'SINGLE WAVELENGTH' 
_diffrn_radiation.pdbx_analyzer                    ? 
_diffrn_radiation.pdbx_scattering_type             x-ray 
# 
_diffrn_radiation_wavelength.id           1 
_diffrn_radiation_wavelength.wavelength   1 
_diffrn_radiation_wavelength.wt           1.0 
# 
_diffrn_source.current                     ? 
_diffrn_source.details                     ? 
_diffrn_source.diffrn_id                   1 
_diffrn_source.power                       ? 
_diffrn_source.size                        ? 
_diffrn_source.source                      SYNCHROTRON 
_diffrn_source.target                      ? 
_diffrn_source.type                        'ALS BEAMLINE 8.2.2' 
_diffrn_source.voltage                     ? 
_diffrn_source.take-off_angle              ? 
_diffrn_source.pdbx_wavelength_list        1 
_diffrn_source.pdbx_wavelength             ? 
_diffrn_source.pdbx_synchrotron_beamline   8.2.2 
_diffrn_source.pdbx_synchrotron_site       ALS 
# 
_reflns.B_iso_Wilson_estimate            ? 
_reflns.entry_id                         5VCI 
_reflns.data_reduction_details           ? 
_reflns.data_reduction_method            ? 
_reflns.d_resolution_high                2.60 
_reflns.d_resolution_low                 50 
_reflns.details                          ? 
_reflns.limit_h_max                      ? 
_reflns.limit_h_min                      ? 
_reflns.limit_k_max                      ? 
_reflns.limit_k_min                      ? 
_reflns.limit_l_max                      ? 
_reflns.limit_l_min                      ? 
_reflns.number_all                       ? 
_reflns.number_obs                       3864 
_reflns.observed_criterion               ? 
_reflns.observed_criterion_F_max         ? 
_reflns.observed_criterion_F_min         ? 
_reflns.observed_criterion_I_max         ? 
_reflns.observed_criterion_I_min         ? 
_reflns.observed_criterion_sigma_F       ? 
_reflns.observed_criterion_sigma_I       ? 
_reflns.percent_possible_obs             97.8 
_reflns.R_free_details                   ? 
_reflns.Rmerge_F_all                     ? 
_reflns.Rmerge_F_obs                     ? 
_reflns.Friedel_coverage                 ? 
_reflns.number_gt                        ? 
_reflns.threshold_expression             ? 
_reflns.pdbx_redundancy                  3.2 
_reflns.pdbx_Rmerge_I_obs                0.054 
_reflns.pdbx_Rmerge_I_all                ? 
_reflns.pdbx_Rsym_value                  0.052 
_reflns.pdbx_netI_over_av_sigmaI         ? 
_reflns.pdbx_netI_over_sigmaI            18.45 
_reflns.pdbx_res_netI_over_av_sigmaI_2   ? 
_reflns.pdbx_res_netI_over_sigmaI_2      ? 
_reflns.pdbx_chi_squared                 1.138 
_reflns.pdbx_scaling_rejects             ? 
_reflns.pdbx_d_res_high_opt              ? 
_reflns.pdbx_d_res_low_opt               ? 
_reflns.pdbx_d_res_opt_method            ? 
_reflns.phase_calculation_details        ? 
_reflns.pdbx_Rrim_I_all                  ? 
_reflns.pdbx_Rpim_I_all                  ? 
_reflns.pdbx_d_opt                       ? 
_reflns.pdbx_number_measured_all         ? 
_reflns.pdbx_diffrn_id                   1 
_reflns.pdbx_ordinal                     1 
_reflns.pdbx_CC_half                     0.944 
_reflns.pdbx_R_split                     ? 
# 
_reflns_shell.d_res_high                  2.60 
_reflns_shell.d_res_low                   2.69 
_reflns_shell.meanI_over_sigI_all         ? 
_reflns_shell.meanI_over_sigI_obs         1.81 
_reflns_shell.number_measured_all         ? 
_reflns_shell.number_measured_obs         ? 
_reflns_shell.number_possible             ? 
_reflns_shell.number_unique_all           ? 
_reflns_shell.number_unique_obs           338 
_reflns_shell.percent_possible_all        87.8 
_reflns_shell.percent_possible_obs        ? 
_reflns_shell.Rmerge_F_all                ? 
_reflns_shell.Rmerge_F_obs                ? 
_reflns_shell.Rmerge_I_all                ? 
_reflns_shell.Rmerge_I_obs                0.526 
_reflns_shell.meanI_over_sigI_gt          ? 
_reflns_shell.meanI_over_uI_all           ? 
_reflns_shell.meanI_over_uI_gt            ? 
_reflns_shell.number_measured_gt          ? 
_reflns_shell.number_unique_gt            ? 
_reflns_shell.percent_possible_gt         ? 
_reflns_shell.Rmerge_F_gt                 ? 
_reflns_shell.Rmerge_I_gt                 ? 
_reflns_shell.pdbx_redundancy             2.4 
_reflns_shell.pdbx_Rsym_value             0.810 
_reflns_shell.pdbx_chi_squared            1.09 
_reflns_shell.pdbx_netI_over_sigmaI_all   ? 
_reflns_shell.pdbx_netI_over_sigmaI_obs   ? 
_reflns_shell.pdbx_Rrim_I_all             ? 
_reflns_shell.pdbx_Rpim_I_all             ? 
_reflns_shell.pdbx_rejects                ? 
_reflns_shell.pdbx_ordinal                1 
_reflns_shell.pdbx_diffrn_id              1 
_reflns_shell.pdbx_CC_half                0.523 
_reflns_shell.pdbx_R_split                ? 
# 
_refine.aniso_B[1][1]                            -0.17 
_refine.aniso_B[1][2]                            -0.09 
_refine.aniso_B[1][3]                            0.00 
_refine.aniso_B[2][2]                            -0.17 
_refine.aniso_B[2][3]                            0.00 
_refine.aniso_B[3][3]                            0.56 
_refine.B_iso_max                                ? 
_refine.B_iso_mean                               75.432 
_refine.B_iso_min                                ? 
_refine.correlation_coeff_Fo_to_Fc               0.979 
_refine.correlation_coeff_Fo_to_Fc_free          0.968 
_refine.details                                  'HYDROGENS HAVE BEEN ADDED IN THE RIDING POSITIONS' 
_refine.diff_density_max                         ? 
_refine.diff_density_max_esd                     ? 
_refine.diff_density_min                         ? 
_refine.diff_density_min_esd                     ? 
_refine.diff_density_rms                         ? 
_refine.diff_density_rms_esd                     ? 
_refine.entry_id                                 5VCI 
_refine.pdbx_refine_id                           'X-RAY DIFFRACTION' 
_refine.ls_abs_structure_details                 ? 
_refine.ls_abs_structure_Flack                   ? 
_refine.ls_abs_structure_Flack_esd               ? 
_refine.ls_abs_structure_Rogers                  ? 
_refine.ls_abs_structure_Rogers_esd              ? 
_refine.ls_d_res_high                            2.60 
_refine.ls_d_res_low                             45.91 
_refine.ls_extinction_coef                       ? 
_refine.ls_extinction_coef_esd                   ? 
_refine.ls_extinction_expression                 ? 
_refine.ls_extinction_method                     ? 
_refine.ls_goodness_of_fit_all                   ? 
_refine.ls_goodness_of_fit_all_esd               ? 
_refine.ls_goodness_of_fit_obs                   ? 
_refine.ls_goodness_of_fit_obs_esd               ? 
_refine.ls_hydrogen_treatment                    ? 
_refine.ls_matrix_type                           ? 
_refine.ls_number_constraints                    ? 
_refine.ls_number_parameters                     ? 
_refine.ls_number_reflns_all                     ? 
_refine.ls_number_reflns_obs                     3649 
_refine.ls_number_reflns_R_free                  215 
_refine.ls_number_reflns_R_work                  ? 
_refine.ls_number_restraints                     ? 
_refine.ls_percent_reflns_obs                    97.80 
_refine.ls_percent_reflns_R_free                 5.6 
_refine.ls_R_factor_all                          ? 
_refine.ls_R_factor_obs                          0.16487 
_refine.ls_R_factor_R_free                       0.21232 
_refine.ls_R_factor_R_free_error                 ? 
_refine.ls_R_factor_R_free_error_details         ? 
_refine.ls_R_factor_R_work                       0.16230 
_refine.ls_R_Fsqd_factor_obs                     ? 
_refine.ls_R_I_factor_obs                        ? 
_refine.ls_redundancy_reflns_all                 ? 
_refine.ls_redundancy_reflns_obs                 ? 
_refine.ls_restrained_S_all                      ? 
_refine.ls_restrained_S_obs                      ? 
_refine.ls_shift_over_esd_max                    ? 
_refine.ls_shift_over_esd_mean                   ? 
_refine.ls_structure_factor_coef                 ? 
_refine.ls_weighting_details                     ? 
_refine.ls_weighting_scheme                      ? 
_refine.ls_wR_factor_all                         ? 
_refine.ls_wR_factor_obs                         ? 
_refine.ls_wR_factor_R_free                      ? 
_refine.ls_wR_factor_R_work                      ? 
_refine.occupancy_max                            ? 
_refine.occupancy_min                            ? 
_refine.solvent_model_details                    ? 
_refine.solvent_model_param_bsol                 ? 
_refine.solvent_model_param_ksol                 ? 
_refine.ls_R_factor_gt                           ? 
_refine.ls_goodness_of_fit_gt                    ? 
_refine.ls_goodness_of_fit_ref                   ? 
_refine.ls_shift_over_su_max                     ? 
_refine.ls_shift_over_su_max_lt                  ? 
_refine.ls_shift_over_su_mean                    ? 
_refine.ls_shift_over_su_mean_lt                 ? 
_refine.pdbx_ls_sigma_I                          ? 
_refine.pdbx_ls_sigma_F                          ? 
_refine.pdbx_ls_sigma_Fsqd                       ? 
_refine.pdbx_data_cutoff_high_absF               ? 
_refine.pdbx_data_cutoff_high_rms_absF           ? 
_refine.pdbx_data_cutoff_low_absF                ? 
_refine.pdbx_isotropic_thermal_model             ? 
_refine.pdbx_ls_cross_valid_method               THROUGHOUT 
_refine.pdbx_method_to_determine_struct          'MOLECULAR REPLACEMENT' 
_refine.pdbx_starting_model                      4FNJ 
_refine.pdbx_stereochemistry_target_values       ? 
_refine.pdbx_R_Free_selection_details            RANDOM 
_refine.pdbx_stereochem_target_val_spec_case     ? 
_refine.pdbx_overall_ESU_R                       0.470 
_refine.pdbx_overall_ESU_R_Free                  0.257 
_refine.pdbx_solvent_vdw_probe_radii             1.20 
_refine.pdbx_solvent_ion_probe_radii             0.80 
_refine.pdbx_solvent_shrinkage_radii             0.80 
_refine.pdbx_real_space_R                        ? 
_refine.pdbx_density_correlation                 ? 
_refine.pdbx_pd_number_of_powder_patterns        ? 
_refine.pdbx_pd_number_of_points                 ? 
_refine.pdbx_pd_meas_number_of_points            ? 
_refine.pdbx_pd_proc_ls_prof_R_factor            ? 
_refine.pdbx_pd_proc_ls_prof_wR_factor           ? 
_refine.pdbx_pd_Marquardt_correlation_coeff      ? 
_refine.pdbx_pd_Fsqrd_R_factor                   ? 
_refine.pdbx_pd_ls_matrix_band_width             ? 
_refine.pdbx_overall_phase_error                 ? 
_refine.pdbx_overall_SU_R_free_Cruickshank_DPI   ? 
_refine.pdbx_overall_SU_R_free_Blow_DPI          ? 
_refine.pdbx_overall_SU_R_Blow_DPI               ? 
_refine.pdbx_TLS_residual_ADP_flag               ? 
_refine.pdbx_diffrn_id                           1 
_refine.overall_SU_B                             12.887 
_refine.overall_SU_ML                            0.237 
_refine.overall_SU_R_Cruickshank_DPI             ? 
_refine.overall_SU_R_free                        ? 
_refine.overall_FOM_free_R_set                   ? 
_refine.overall_FOM_work_R_set                   ? 
_refine.pdbx_average_fsc_overall                 ? 
_refine.pdbx_average_fsc_work                    ? 
_refine.pdbx_average_fsc_free                    ? 
# 
_refine_hist.pdbx_refine_id                   'X-RAY DIFFRACTION' 
_refine_hist.cycle_id                         1 
_refine_hist.pdbx_number_atoms_protein        0 
_refine_hist.pdbx_number_atoms_nucleic_acid   723 
_refine_hist.pdbx_number_atoms_ligand         29 
_refine_hist.number_atoms_solvent             1 
_refine_hist.number_atoms_total               753 
_refine_hist.d_res_high                       2.60 
_refine_hist.d_res_low                        45.91 
# 
loop_
_refine_ls_restr.pdbx_refine_id 
_refine_ls_restr.criterion 
_refine_ls_restr.dev_ideal 
_refine_ls_restr.dev_ideal_target 
_refine_ls_restr.number 
_refine_ls_restr.rejects 
_refine_ls_restr.type 
_refine_ls_restr.weight 
_refine_ls_restr.pdbx_restraint_function 
'X-RAY DIFFRACTION' ? 0.010  0.012  838  ? r_bond_refined_d             ? ? 
'X-RAY DIFFRACTION' ? 0.005  0.020  349  ? r_bond_other_d               ? ? 
'X-RAY DIFFRACTION' ? 1.787  1.348  1303 ? r_angle_refined_deg          ? ? 
'X-RAY DIFFRACTION' ? 1.732  3.023  844  ? r_angle_other_deg            ? ? 
'X-RAY DIFFRACTION' ? ?      ?      ?    ? r_dihedral_angle_1_deg       ? ? 
'X-RAY DIFFRACTION' ? ?      ?      ?    ? r_dihedral_angle_2_deg       ? ? 
'X-RAY DIFFRACTION' ? ?      ?      ?    ? r_dihedral_angle_3_deg       ? ? 
'X-RAY DIFFRACTION' ? ?      ?      ?    ? r_dihedral_angle_4_deg       ? ? 
'X-RAY DIFFRACTION' ? 0.095  0.200  141  ? r_chiral_restr               ? ? 
'X-RAY DIFFRACTION' ? 0.012  0.020  424  ? r_gen_planes_refined         ? ? 
'X-RAY DIFFRACTION' ? 0.002  0.020  187  ? r_gen_planes_other           ? ? 
'X-RAY DIFFRACTION' ? ?      ?      ?    ? r_nbd_refined                ? ? 
'X-RAY DIFFRACTION' ? ?      ?      ?    ? r_nbd_other                  ? ? 
'X-RAY DIFFRACTION' ? ?      ?      ?    ? r_nbtor_refined              ? ? 
'X-RAY DIFFRACTION' ? ?      ?      ?    ? r_nbtor_other                ? ? 
'X-RAY DIFFRACTION' ? ?      ?      ?    ? r_xyhbond_nbd_refined        ? ? 
'X-RAY DIFFRACTION' ? ?      ?      ?    ? r_xyhbond_nbd_other          ? ? 
'X-RAY DIFFRACTION' ? ?      ?      ?    ? r_metal_ion_refined          ? ? 
'X-RAY DIFFRACTION' ? ?      ?      ?    ? r_metal_ion_other            ? ? 
'X-RAY DIFFRACTION' ? ?      ?      ?    ? r_symmetry_vdw_refined       ? ? 
'X-RAY DIFFRACTION' ? ?      ?      ?    ? r_symmetry_vdw_other         ? ? 
'X-RAY DIFFRACTION' ? ?      ?      ?    ? r_symmetry_hbond_refined     ? ? 
'X-RAY DIFFRACTION' ? ?      ?      ?    ? r_symmetry_hbond_other       ? ? 
'X-RAY DIFFRACTION' ? ?      ?      ?    ? r_symmetry_metal_ion_refined ? ? 
'X-RAY DIFFRACTION' ? ?      ?      ?    ? r_symmetry_metal_ion_other   ? ? 
'X-RAY DIFFRACTION' ? ?      ?      ?    ? r_mcbond_it                  ? ? 
'X-RAY DIFFRACTION' ? ?      ?      ?    ? r_mcbond_other               ? ? 
'X-RAY DIFFRACTION' ? ?      ?      ?    ? r_mcangle_it                 ? ? 
'X-RAY DIFFRACTION' ? ?      ?      ?    ? r_mcangle_other              ? ? 
'X-RAY DIFFRACTION' ? 6.770  8.010  838  ? r_scbond_it                  ? ? 
'X-RAY DIFFRACTION' ? 6.770  8.019  839  ? r_scbond_other               ? ? 
'X-RAY DIFFRACTION' ? ?      ?      ?    ? r_scangle_it                 ? ? 
'X-RAY DIFFRACTION' ? 9.512  12.030 1304 ? r_scangle_other              ? ? 
'X-RAY DIFFRACTION' ? 10.992 80.272 1145 ? r_long_range_B_refined       ? ? 
'X-RAY DIFFRACTION' ? 11.027 80.353 1146 ? r_long_range_B_other         ? ? 
'X-RAY DIFFRACTION' ? ?      ?      ?    ? r_rigid_bond_restr           ? ? 
'X-RAY DIFFRACTION' ? ?      ?      ?    ? r_sphericity_free            ? ? 
'X-RAY DIFFRACTION' ? ?      ?      ?    ? r_sphericity_bonded          ? ? 
# 
_refine_ls_shell.pdbx_refine_id                   'X-RAY DIFFRACTION' 
_refine_ls_shell.d_res_high                       2.597 
_refine_ls_shell.d_res_low                        2.664 
_refine_ls_shell.number_reflns_all                ? 
_refine_ls_shell.number_reflns_obs                ? 
_refine_ls_shell.number_reflns_R_free             11 
_refine_ls_shell.number_reflns_R_work             228 
_refine_ls_shell.percent_reflns_obs               85.66 
_refine_ls_shell.percent_reflns_R_free            ? 
_refine_ls_shell.R_factor_all                     ? 
_refine_ls_shell.R_factor_obs                     ? 
_refine_ls_shell.R_factor_R_free                  0.631 
_refine_ls_shell.R_factor_R_free_error            ? 
_refine_ls_shell.R_factor_R_work                  0.480 
_refine_ls_shell.redundancy_reflns_all            ? 
_refine_ls_shell.redundancy_reflns_obs            ? 
_refine_ls_shell.wR_factor_all                    ? 
_refine_ls_shell.wR_factor_obs                    ? 
_refine_ls_shell.wR_factor_R_free                 ? 
_refine_ls_shell.wR_factor_R_work                 ? 
_refine_ls_shell.pdbx_total_number_of_bins_used   20 
_refine_ls_shell.pdbx_phase_error                 ? 
_refine_ls_shell.pdbx_fsc_work                    ? 
_refine_ls_shell.pdbx_fsc_free                    ? 
# 
_struct.entry_id                     5VCI 
_struct.title                        'RNA hairpin structure containing tetraloop/receptor motif, complexed with 2-MeImpG analogue' 
_struct.pdbx_model_details           ? 
_struct.pdbx_formula_weight          ? 
_struct.pdbx_formula_weight_method   ? 
_struct.pdbx_model_type_details      ? 
_struct.pdbx_CASP_flag               N 
# 
_struct_keywords.entry_id        5VCI 
_struct_keywords.text            'RNA, hairpin, tetraloop/receptor' 
_struct_keywords.pdbx_keywords   RNA 
# 
loop_
_struct_asym.id 
_struct_asym.pdbx_blank_PDB_chainid_flag 
_struct_asym.pdbx_modified 
_struct_asym.entity_id 
_struct_asym.details 
A N N 1 ? 
B N N 2 ? 
C N N 3 ? 
D N N 4 ? 
# 
loop_
_struct_conn.id 
_struct_conn.conn_type_id 
_struct_conn.pdbx_leaving_atom_flag 
_struct_conn.pdbx_PDB_id 
_struct_conn.ptnr1_label_asym_id 
_struct_conn.ptnr1_label_comp_id 
_struct_conn.ptnr1_label_seq_id 
_struct_conn.ptnr1_label_atom_id 
_struct_conn.pdbx_ptnr1_label_alt_id 
_struct_conn.pdbx_ptnr1_PDB_ins_code 
_struct_conn.pdbx_ptnr1_standard_comp_id 
_struct_conn.ptnr1_symmetry 
_struct_conn.ptnr2_label_asym_id 
_struct_conn.ptnr2_label_comp_id 
_struct_conn.ptnr2_label_seq_id 
_struct_conn.ptnr2_label_atom_id 
_struct_conn.pdbx_ptnr2_label_alt_id 
_struct_conn.pdbx_ptnr2_PDB_ins_code 
_struct_conn.ptnr1_auth_asym_id 
_struct_conn.ptnr1_auth_comp_id 
_struct_conn.ptnr1_auth_seq_id 
_struct_conn.ptnr2_auth_asym_id 
_struct_conn.ptnr2_auth_comp_id 
_struct_conn.ptnr2_auth_seq_id 
_struct_conn.ptnr2_symmetry 
_struct_conn.pdbx_ptnr3_label_atom_id 
_struct_conn.pdbx_ptnr3_label_seq_id 
_struct_conn.pdbx_ptnr3_label_comp_id 
_struct_conn.pdbx_ptnr3_label_asym_id 
_struct_conn.pdbx_ptnr3_label_alt_id 
_struct_conn.pdbx_ptnr3_PDB_ins_code 
_struct_conn.details 
_struct_conn.pdbx_dist_value 
_struct_conn.pdbx_value_order 
_struct_conn.pdbx_role 
hydrog1  hydrog ? ? A C 1  N3 ? ? ? 1_555 B G 12 N1 ? ? A C 1  B G 12 1_555 ? ? ? ? ? ? WATSON-CRICK         ? ? ? 
hydrog2  hydrog ? ? A C 1  N4 ? ? ? 1_555 B G 12 O6 ? ? A C 1  B G 12 1_555 ? ? ? ? ? ? WATSON-CRICK         ? ? ? 
hydrog3  hydrog ? ? A C 1  O2 ? ? ? 1_555 B G 12 N2 ? ? A C 1  B G 12 1_555 ? ? ? ? ? ? WATSON-CRICK         ? ? ? 
hydrog4  hydrog ? ? A U 2  N3 ? ? ? 1_555 B U 11 O2 ? ? A U 2  B U 11 1_555 ? ? ? ? ? ? TYPE_16_PAIR         ? ? ? 
hydrog5  hydrog ? ? A U 2  O4 ? ? ? 1_555 B U 11 N3 ? ? A U 2  B U 11 1_555 ? ? ? ? ? ? TYPE_16_PAIR         ? ? ? 
hydrog6  hydrog ? ? A G 3  N1 ? ? ? 1_555 B C 10 N3 ? ? A G 3  B C 10 1_555 ? ? ? ? ? ? WATSON-CRICK         ? ? ? 
hydrog7  hydrog ? ? A G 3  N2 ? ? ? 1_555 B C 10 O2 ? ? A G 3  B C 10 1_555 ? ? ? ? ? ? WATSON-CRICK         ? ? ? 
hydrog8  hydrog ? ? A G 3  O6 ? ? ? 1_555 B C 10 N4 ? ? A G 3  B C 10 1_555 ? ? ? ? ? ? WATSON-CRICK         ? ? ? 
hydrog9  hydrog ? ? A C 4  N3 ? ? ? 1_555 B G 9  N1 ? ? A C 4  B G 9  1_555 ? ? ? ? ? ? WATSON-CRICK         ? ? ? 
hydrog10 hydrog ? ? A C 4  N4 ? ? ? 1_555 B G 9  O6 ? ? A C 4  B G 9  1_555 ? ? ? ? ? ? WATSON-CRICK         ? ? ? 
hydrog11 hydrog ? ? A C 4  O2 ? ? ? 1_555 B G 9  N2 ? ? A C 4  B G 9  1_555 ? ? ? ? ? ? WATSON-CRICK         ? ? ? 
hydrog12 hydrog ? ? A U 5  O4 ? ? ? 1_555 B U 8  N3 ? ? A U 5  B U 8  1_555 ? ? ? ? ? ? 'U-U MISPAIR'        ? ? ? 
hydrog13 hydrog ? ? A G 6  N1 ? ? ? 1_555 B C 7  N3 ? ? A G 6  B C 7  1_555 ? ? ? ? ? ? WATSON-CRICK         ? ? ? 
hydrog14 hydrog ? ? A G 6  N2 ? ? ? 1_555 B C 7  O2 ? ? A G 6  B C 7  1_555 ? ? ? ? ? ? WATSON-CRICK         ? ? ? 
hydrog15 hydrog ? ? A G 6  O6 ? ? ? 1_555 B C 7  N4 ? ? A G 6  B C 7  1_555 ? ? ? ? ? ? WATSON-CRICK         ? ? ? 
hydrog16 hydrog ? ? A G 7  N1 ? ? ? 1_555 B C 6  N3 ? ? A G 7  B C 6  1_555 ? ? ? ? ? ? WATSON-CRICK         ? ? ? 
hydrog17 hydrog ? ? A G 7  N2 ? ? ? 1_555 B C 6  O2 ? ? A G 7  B C 6  1_555 ? ? ? ? ? ? WATSON-CRICK         ? ? ? 
hydrog18 hydrog ? ? A G 7  O6 ? ? ? 1_555 B C 6  N4 ? ? A G 7  B C 6  1_555 ? ? ? ? ? ? WATSON-CRICK         ? ? ? 
hydrog19 hydrog ? ? A C 8  N3 ? ? ? 1_555 B G 5  N1 ? ? A C 8  B G 5  1_555 ? ? ? ? ? ? WATSON-CRICK         ? ? ? 
hydrog20 hydrog ? ? A C 8  N4 ? ? ? 1_555 B G 5  O6 ? ? A C 8  B G 5  1_555 ? ? ? ? ? ? WATSON-CRICK         ? ? ? 
hydrog21 hydrog ? ? A C 8  O2 ? ? ? 1_555 B G 5  N2 ? ? A C 8  B G 5  1_555 ? ? ? ? ? ? WATSON-CRICK         ? ? ? 
hydrog22 hydrog ? ? A U 9  N3 ? ? ? 1_555 B A 3  N7 ? ? A U 9  B A 3  1_555 ? ? ? ? ? ? 'REVERSED HOOGSTEEN' ? ? ? 
hydrog23 hydrog ? ? A U 9  O2 ? ? ? 1_555 B A 3  N6 ? ? A U 9  B A 3  1_555 ? ? ? ? ? ? 'REVERSED HOOGSTEEN' ? ? ? 
hydrog24 hydrog ? ? A A 11 N1 ? ? ? 1_555 B U 4  N3 ? ? A A 11 B U 4  1_555 ? ? ? ? ? ? WATSON-CRICK         ? ? ? 
hydrog25 hydrog ? ? A A 11 N6 ? ? ? 1_555 B U 4  O4 ? ? A A 11 B U 4  1_555 ? ? ? ? ? ? WATSON-CRICK         ? ? ? 
hydrog26 hydrog ? ? A G 12 N1 ? ? ? 1_555 B U 2  O2 ? ? A G 12 B U 2  1_555 ? ? ? ? ? ? TYPE_28_PAIR         ? ? ? 
hydrog27 hydrog ? ? A G 12 O6 ? ? ? 1_555 B U 2  N3 ? ? A G 12 B U 2  1_555 ? ? ? ? ? ? TYPE_28_PAIR         ? ? ? 
hydrog28 hydrog ? ? A G 12 N2 ? ? ? 1_555 B U 4  O4 ? ? A G 12 B U 4  1_555 ? ? ? ? ? ? 'G-U MISPAIR'        ? ? ? 
hydrog29 hydrog ? ? A G 13 N1 ? ? ? 1_555 B C 1  N3 ? ? A G 13 B C 1  1_555 ? ? ? ? ? ? WATSON-CRICK         ? ? ? 
hydrog30 hydrog ? ? A G 13 N2 ? ? ? 1_555 B C 1  O2 ? ? A G 13 B C 1  1_555 ? ? ? ? ? ? WATSON-CRICK         ? ? ? 
hydrog31 hydrog ? ? A G 13 O6 ? ? ? 1_555 B C 1  N4 ? ? A G 13 B C 1  1_555 ? ? ? ? ? ? WATSON-CRICK         ? ? ? 
hydrog32 hydrog ? ? A C 15 N3 ? ? ? 1_555 A G 22 N1 ? ? A C 15 A G 22 1_555 ? ? ? ? ? ? WATSON-CRICK         ? ? ? 
hydrog33 hydrog ? ? A C 15 N4 ? ? ? 1_555 A G 22 O6 ? ? A C 15 A G 22 1_555 ? ? ? ? ? ? WATSON-CRICK         ? ? ? 
hydrog34 hydrog ? ? A C 15 O2 ? ? ? 1_555 A G 22 N2 ? ? A C 15 A G 22 1_555 ? ? ? ? ? ? WATSON-CRICK         ? ? ? 
hydrog35 hydrog ? ? A C 16 N3 ? ? ? 1_555 A G 21 N1 ? ? A C 16 A G 21 1_555 ? ? ? ? ? ? WATSON-CRICK         ? ? ? 
hydrog36 hydrog ? ? A C 16 N4 ? ? ? 1_555 A G 21 O6 ? ? A C 16 A G 21 1_555 ? ? ? ? ? ? WATSON-CRICK         ? ? ? 
hydrog37 hydrog ? ? A C 16 O2 ? ? ? 1_555 A G 21 N2 ? ? A C 16 A G 21 1_555 ? ? ? ? ? ? WATSON-CRICK         ? ? ? 
hydrog38 hydrog ? ? A G 17 N2 ? ? ? 1_555 A A 20 N7 ? ? A G 17 A A 20 1_555 ? ? ? ? ? ? 'G-A MISPAIR'        ? ? ? 
# 
_struct_conn_type.id          hydrog 
_struct_conn_type.criteria    ? 
_struct_conn_type.reference   ? 
# 
_struct_site.id                   AC1 
_struct_site.pdbx_evidence_code   Software 
_struct_site.pdbx_auth_asym_id    A 
_struct_site.pdbx_auth_comp_id    8OS 
_struct_site.pdbx_auth_seq_id     101 
_struct_site.pdbx_auth_ins_code   ? 
_struct_site.pdbx_num_residues    4 
_struct_site.details              'binding site for residue 8OS A 101' 
# 
loop_
_struct_site_gen.id 
_struct_site_gen.site_id 
_struct_site_gen.pdbx_num_res 
_struct_site_gen.label_comp_id 
_struct_site_gen.label_asym_id 
_struct_site_gen.label_seq_id 
_struct_site_gen.pdbx_auth_ins_code 
_struct_site_gen.auth_comp_id 
_struct_site_gen.auth_asym_id 
_struct_site_gen.auth_seq_id 
_struct_site_gen.label_atom_id 
_struct_site_gen.label_alt_id 
_struct_site_gen.symmetry 
_struct_site_gen.details 
1 AC1 4 C A 14 ? C A 14 . ? 1_555 ? 
2 AC1 4 C A 15 ? C A 15 . ? 1_555 ? 
3 AC1 4 G A 22 ? G A 22 . ? 1_555 ? 
4 AC1 4 C B 1  ? C B 1  . ? 1_555 ? 
# 
_atom_sites.entry_id                    5VCI 
_atom_sites.fract_transf_matrix[1][1]   0.00175725 
_atom_sites.fract_transf_matrix[1][2]   -0.01219715 
_atom_sites.fract_transf_matrix[1][3]   -0.01110339 
_atom_sites.fract_transf_matrix[2][1]   0.01446828 
_atom_sites.fract_transf_matrix[2][2]   -0.00204858 
_atom_sites.fract_transf_matrix[2][3]   -0.00785072 
_atom_sites.fract_transf_matrix[3][1]   0.00432449 
_atom_sites.fract_transf_matrix[3][2]   -0.00869817 
_atom_sites.fract_transf_matrix[3][3]   0.01023941 
_atom_sites.fract_transf_vector[1]      0.197955 
_atom_sites.fract_transf_vector[2]      0.435662 
_atom_sites.fract_transf_vector[3]      -0.011927 
# 
loop_
_atom_type.symbol 
C 
N 
O 
P 
# 
loop_
_atom_site.group_PDB 
_atom_site.id 
_atom_site.type_symbol 
_atom_site.label_atom_id 
_atom_site.label_alt_id 
_atom_site.label_comp_id 
_atom_site.label_asym_id 
_atom_site.label_entity_id 
_atom_site.label_seq_id 
_atom_site.pdbx_PDB_ins_code 
_atom_site.Cartn_x 
_atom_site.Cartn_y 
_atom_site.Cartn_z 
_atom_site.occupancy 
_atom_site.B_iso_or_equiv 
_atom_site.pdbx_formal_charge 
_atom_site.auth_seq_id 
_atom_site.auth_comp_id 
_atom_site.auth_asym_id 
_atom_site.auth_atom_id 
_atom_site.pdbx_PDB_model_num 
ATOM   1   O "O5'" . C   A 1 1  ? -0.733  -1.029  20.157  1.00 80.17  ? 1   C   A "O5'" 1 
ATOM   2   C "C5'" . C   A 1 1  ? -0.868  0.418   20.106  1.00 86.54  ? 1   C   A "C5'" 1 
ATOM   3   C "C4'" . C   A 1 1  ? -0.082  1.125   21.198  1.00 85.34  ? 1   C   A "C4'" 1 
ATOM   4   O "O4'" . C   A 1 1  ? 0.222   0.219   22.285  1.00 79.14  ? 1   C   A "O4'" 1 
ATOM   5   C "C3'" . C   A 1 1  ? 1.266   1.700   20.784  1.00 87.80  ? 1   C   A "C3'" 1 
ATOM   6   O "O3'" . C   A 1 1  ? 1.117   3.020   20.284  1.00 95.42  ? 1   C   A "O3'" 1 
ATOM   7   C "C2'" . C   A 1 1  ? 2.034   1.745   22.095  1.00 79.74  ? 1   C   A "C2'" 1 
ATOM   8   O "O2'" . C   A 1 1  ? 1.851   2.889   22.905  1.00 83.10  ? 1   C   A "O2'" 1 
ATOM   9   C "C1'" . C   A 1 1  ? 1.506   0.499   22.796  1.00 75.65  ? 1   C   A "C1'" 1 
ATOM   10  N N1    . C   A 1 1  ? 2.350   -0.672  22.581  1.00 75.75  ? 1   C   A N1    1 
ATOM   11  C C2    . C   A 1 1  ? 3.625   -0.687  23.145  1.00 71.60  ? 1   C   A C2    1 
ATOM   12  O O2    . C   A 1 1  ? 4.011   0.302   23.783  1.00 78.23  ? 1   C   A O2    1 
ATOM   13  N N3    . C   A 1 1  ? 4.406   -1.773  22.980  1.00 69.86  ? 1   C   A N3    1 
ATOM   14  C C4    . C   A 1 1  ? 3.952   -2.818  22.287  1.00 71.33  ? 1   C   A C4    1 
ATOM   15  N N4    . C   A 1 1  ? 4.763   -3.863  22.129  1.00 76.66  ? 1   C   A N4    1 
ATOM   16  C C5    . C   A 1 1  ? 2.653   -2.834  21.709  1.00 67.76  ? 1   C   A C5    1 
ATOM   17  C C6    . C   A 1 1  ? 1.895   -1.748  21.872  1.00 70.85  ? 1   C   A C6    1 
ATOM   18  P P     . U   A 1 2  ? 1.844   3.436   18.944  1.00 88.74  ? 2   U   A P     1 
ATOM   19  O OP1   . U   A 1 2  ? 1.334   4.778   18.547  1.00 71.15  ? 2   U   A OP1   1 
ATOM   20  O OP2   . U   A 1 2  ? 1.779   2.277   18.019  1.00 86.75  ? 2   U   A OP2   1 
ATOM   21  O "O5'" . U   A 1 2  ? 3.356   3.564   19.402  1.00 81.96  ? 2   U   A "O5'" 1 
ATOM   22  C "C5'" . U   A 1 2  ? 3.740   4.624   20.273  1.00 85.42  ? 2   U   A "C5'" 1 
ATOM   23  C "C4'" . U   A 1 2  ? 5.210   4.514   20.541  1.00 89.39  ? 2   U   A "C4'" 1 
ATOM   24  O "O4'" . U   A 1 2  ? 5.461   3.311   21.298  1.00 85.52  ? 2   U   A "O4'" 1 
ATOM   25  C "C3'" . U   A 1 2  ? 6.084   4.347   19.312  1.00 93.99  ? 2   U   A "C3'" 1 
ATOM   26  O "O3'" . U   A 1 2  ? 6.334   5.622   18.741  1.00 96.81  ? 2   U   A "O3'" 1 
ATOM   27  C "C2'" . U   A 1 2  ? 7.331   3.715   19.904  1.00 90.85  ? 2   U   A "C2'" 1 
ATOM   28  O "O2'" . U   A 1 2  ? 8.114   4.701   20.540  1.00 90.96  ? 2   U   A "O2'" 1 
ATOM   29  C "C1'" . U   A 1 2  ? 6.731   2.795   20.960  1.00 82.44  ? 2   U   A "C1'" 1 
ATOM   30  N N1    . U   A 1 2  ? 6.566   1.383   20.584  1.00 86.20  ? 2   U   A N1    1 
ATOM   31  C C2    . U   A 1 2  ? 7.693   0.585   20.615  1.00 86.99  ? 2   U   A C2    1 
ATOM   32  O O2    . U   A 1 2  ? 8.805   1.022   20.843  1.00 105.52 ? 2   U   A O2    1 
ATOM   33  N N3    . U   A 1 2  ? 7.469   -0.742  20.355  1.00 82.36  ? 2   U   A N3    1 
ATOM   34  C C4    . U   A 1 2  ? 6.262   -1.345  20.066  1.00 92.79  ? 2   U   A C4    1 
ATOM   35  O O4    . U   A 1 2  ? 6.226   -2.558  19.842  1.00 88.82  ? 2   U   A O4    1 
ATOM   36  C C5    . U   A 1 2  ? 5.140   -0.456  20.073  1.00 92.00  ? 2   U   A C5    1 
ATOM   37  C C6    . U   A 1 2  ? 5.324   0.843   20.336  1.00 88.43  ? 2   U   A C6    1 
ATOM   38  P P     . G   A 1 3  ? 6.400   5.757   17.174  1.00 98.88  ? 3   G   A P     1 
ATOM   39  O OP1   . G   A 1 3  ? 6.443   7.196   16.844  1.00 109.74 ? 3   G   A OP1   1 
ATOM   40  O OP2   . G   A 1 3  ? 5.352   4.878   16.584  1.00 96.74  ? 3   G   A OP2   1 
ATOM   41  O "O5'" . G   A 1 3  ? 7.815   5.124   16.827  1.00 98.98  ? 3   G   A "O5'" 1 
ATOM   42  C "C5'" . G   A 1 3  ? 9.025   5.841   17.077  1.00 95.41  ? 3   G   A "C5'" 1 
ATOM   43  C "C4'" . G   A 1 3  ? 10.187  4.889   16.973  1.00 101.69 ? 3   G   A "C4'" 1 
ATOM   44  O "O4'" . G   A 1 3  ? 9.957   3.759   17.843  1.00 98.99  ? 3   G   A "O4'" 1 
ATOM   45  C "C3'" . G   A 1 3  ? 10.410  4.244   15.617  1.00 104.65 ? 3   G   A "C3'" 1 
ATOM   46  O "O3'" . G   A 1 3  ? 11.122  5.149   14.795  1.00 123.07 ? 3   G   A "O3'" 1 
ATOM   47  C "C2'" . G   A 1 3  ? 11.229  3.016   15.986  1.00 105.05 ? 3   G   A "C2'" 1 
ATOM   48  O "O2'" . G   A 1 3  ? 12.622  3.199   16.172  1.00 103.45 ? 3   G   A "O2'" 1 
ATOM   49  C "C1'" . G   A 1 3  ? 10.558  2.607   17.289  1.00 98.75  ? 3   G   A "C1'" 1 
ATOM   50  N N9    . G   A 1 3  ? 9.529   1.594   17.102  1.00 87.63  ? 3   G   A N9    1 
ATOM   51  C C8    . G   A 1 3  ? 8.179   1.776   16.916  1.00 83.32  ? 3   G   A C8    1 
ATOM   52  N N7    . G   A 1 3  ? 7.520   0.652   16.820  1.00 77.86  ? 3   G   A N7    1 
ATOM   53  C C5    . G   A 1 3  ? 8.497   -0.328  16.936  1.00 71.09  ? 3   G   A C5    1 
ATOM   54  C C6    . G   A 1 3  ? 8.386   -1.743  16.923  1.00 72.34  ? 3   G   A C6    1 
ATOM   55  O O6    . G   A 1 3  ? 7.376   -2.433  16.766  1.00 72.43  ? 3   G   A O6    1 
ATOM   56  N N1    . G   A 1 3  ? 9.626   -2.355  17.072  1.00 73.01  ? 3   G   A N1    1 
ATOM   57  C C2    . G   A 1 3  ? 10.820  -1.690  17.226  1.00 78.45  ? 3   G   A C2    1 
ATOM   58  N N2    . G   A 1 3  ? 11.909  -2.455  17.360  1.00 82.45  ? 3   G   A N2    1 
ATOM   59  N N3    . G   A 1 3  ? 10.933  -0.374  17.266  1.00 74.46  ? 3   G   A N3    1 
ATOM   60  C C4    . G   A 1 3  ? 9.742   0.239   17.108  1.00 73.79  ? 3   G   A C4    1 
ATOM   61  P P     . C   A 1 4  ? 11.012  5.063   13.211  1.00 124.40 ? 4   C   A P     1 
ATOM   62  O OP1   . C   A 1 4  ? 11.324  6.416   12.669  1.00 123.07 ? 4   C   A OP1   1 
ATOM   63  O OP2   . C   A 1 4  ? 9.705   4.425   12.871  1.00 97.05  ? 4   C   A OP2   1 
ATOM   64  O "O5'" . C   A 1 4  ? 12.181  4.043   12.854  1.00 95.98  ? 4   C   A "O5'" 1 
ATOM   65  C "C5'" . C   A 1 4  ? 11.781  2.711   12.676  1.00 91.40  ? 4   C   A "C5'" 1 
ATOM   66  C "C4'" . C   A 1 4  ? 12.936  1.772   12.587  1.00 92.65  ? 4   C   A "C4'" 1 
ATOM   67  O "O4'" . C   A 1 4  ? 12.939  0.896   13.743  1.00 90.12  ? 4   C   A "O4'" 1 
ATOM   68  C "C3'" . C   A 1 4  ? 12.785  0.872   11.370  1.00 107.69 ? 4   C   A "C3'" 1 
ATOM   69  O "O3'" . C   A 1 4  ? 13.474  1.523   10.326  1.00 113.02 ? 4   C   A "O3'" 1 
ATOM   70  C "C2'" . C   A 1 4  ? 13.266  -0.491  11.854  1.00 102.37 ? 4   C   A "C2'" 1 
ATOM   71  O "O2'" . C   A 1 4  ? 14.632  -0.770  11.645  1.00 101.21 ? 4   C   A "O2'" 1 
ATOM   72  C "C1'" . C   A 1 4  ? 12.836  -0.453  13.317  1.00 96.83  ? 4   C   A "C1'" 1 
ATOM   73  N N1    . C   A 1 4  ? 11.444  -0.921  13.487  1.00 85.25  ? 4   C   A N1    1 
ATOM   74  C C2    . C   A 1 4  ? 11.210  -2.300  13.577  1.00 92.01  ? 4   C   A C2    1 
ATOM   75  O O2    . C   A 1 4  ? 12.174  -3.077  13.535  1.00 113.43 ? 4   C   A O2    1 
ATOM   76  N N3    . C   A 1 4  ? 9.944   -2.750  13.725  1.00 84.31  ? 4   C   A N3    1 
ATOM   77  C C4    . C   A 1 4  ? 8.930   -1.882  13.753  1.00 82.05  ? 4   C   A C4    1 
ATOM   78  N N4    . C   A 1 4  ? 7.698   -2.367  13.906  1.00 74.74  ? 4   C   A N4    1 
ATOM   79  C C5    . C   A 1 4  ? 9.137   -0.474  13.648  1.00 83.23  ? 4   C   A C5    1 
ATOM   80  C C6    . C   A 1 4  ? 10.395  -0.043  13.515  1.00 78.95  ? 4   C   A C6    1 
ATOM   81  P P     . U   A 1 5  ? 13.271  1.049   8.840   1.00 109.63 ? 5   U   A P     1 
ATOM   82  O OP1   . U   A 1 5  ? 14.158  1.915   8.015   1.00 108.36 ? 5   U   A OP1   1 
ATOM   83  O OP2   . U   A 1 5  ? 11.826  1.065   8.538   1.00 92.59  ? 5   U   A OP2   1 
ATOM   84  O "O5'" . U   A 1 5  ? 13.657  -0.500  8.934   1.00 84.68  ? 5   U   A "O5'" 1 
ATOM   85  C "C5'" . U   A 1 5  ? 13.005  -1.449  8.078   1.00 86.22  ? 5   U   A "C5'" 1 
ATOM   86  C "C4'" . U   A 1 5  ? 13.520  -2.850  8.306   1.00 92.72  ? 5   U   A "C4'" 1 
ATOM   87  O "O4'" . U   A 1 5  ? 13.248  -3.252  9.680   1.00 88.56  ? 5   U   A "O4'" 1 
ATOM   88  C "C3'" . U   A 1 5  ? 12.833  -3.913  7.450   1.00 97.44  ? 5   U   A "C3'" 1 
ATOM   89  O "O3'" . U   A 1 5  ? 13.306  -4.148  6.120   1.00 101.91 ? 5   U   A "O3'" 1 
ATOM   90  C "C2'" . U   A 1 5  ? 13.002  -5.162  8.293   1.00 92.32  ? 5   U   A "C2'" 1 
ATOM   91  O "O2'" . U   A 1 5  ? 14.204  -5.859  8.063   1.00 88.42  ? 5   U   A "O2'" 1 
ATOM   92  C "C1'" . U   A 1 5  ? 12.785  -4.598  9.702   1.00 93.53  ? 5   U   A "C1'" 1 
ATOM   93  N N1    . U   A 1 5  ? 11.355  -4.629  10.077  1.00 90.36  ? 5   U   A N1    1 
ATOM   94  C C2    . U   A 1 5  ? 10.768  -5.884  10.190  1.00 90.99  ? 5   U   A C2    1 
ATOM   95  O O2    . U   A 1 5  ? 11.385  -6.921  10.027  1.00 91.81  ? 5   U   A O2    1 
ATOM   96  N N3    . U   A 1 5  ? 9.434   -5.873  10.505  1.00 92.43  ? 5   U   A N3    1 
ATOM   97  C C4    . U   A 1 5  ? 8.632   -4.772  10.708  1.00 91.96  ? 5   U   A C4    1 
ATOM   98  O O4    . U   A 1 5  ? 7.441   -4.934  10.985  1.00 89.54  ? 5   U   A O4    1 
ATOM   99  C C5    . U   A 1 5  ? 9.302   -3.512  10.557  1.00 77.17  ? 5   U   A C5    1 
ATOM   100 C C6    . U   A 1 5  ? 10.607  -3.484  10.256  1.00 80.39  ? 5   U   A C6    1 
ATOM   101 P P     . G   A 1 6  ? 12.373  -3.830  4.819   1.00 105.54 ? 6   G   A P     1 
ATOM   102 O OP1   . G   A 1 6  ? 13.261  -3.459  3.702   1.00 128.49 ? 6   G   A OP1   1 
ATOM   103 O OP2   . G   A 1 6  ? 11.313  -2.882  5.206   1.00 119.26 ? 6   G   A OP2   1 
ATOM   104 O "O5'" . G   A 1 6  ? 11.713  -5.238  4.464   1.00 94.51  ? 6   G   A "O5'" 1 
ATOM   105 C "C5'" . G   A 1 6  ? 12.472  -6.451  4.508   1.00 97.77  ? 6   G   A "C5'" 1 
ATOM   106 C "C4'" . G   A 1 6  ? 11.593  -7.574  4.968   1.00 97.64  ? 6   G   A "C4'" 1 
ATOM   107 O "O4'" . G   A 1 6  ? 11.233  -7.363  6.359   1.00 108.55 ? 6   G   A "O4'" 1 
ATOM   108 C "C3'" . G   A 1 6  ? 10.246  -7.666  4.277   1.00 103.24 ? 6   G   A "C3'" 1 
ATOM   109 O "O3'" . G   A 1 6  ? 10.285  -8.136  2.937   1.00 101.99 ? 6   G   A "O3'" 1 
ATOM   110 C "C2'" . G   A 1 6  ? 9.471   -8.500  5.282   1.00 108.24 ? 6   G   A "C2'" 1 
ATOM   111 O "O2'" . G   A 1 6  ? 9.797   -9.875  5.273   1.00 94.17  ? 6   G   A "O2'" 1 
ATOM   112 C "C1'" . G   A 1 6  ? 9.895   -7.815  6.583   1.00 109.14 ? 6   G   A "C1'" 1 
ATOM   113 N N9    . G   A 1 6  ? 9.037   -6.680  6.961   1.00 101.65 ? 6   G   A N9    1 
ATOM   114 C C8    . G   A 1 6  ? 9.357   -5.342  6.987   1.00 93.99  ? 6   G   A C8    1 
ATOM   115 N N7    . G   A 1 6  ? 8.366   -4.584  7.375   1.00 84.42  ? 6   G   A N7    1 
ATOM   116 C C5    . G   A 1 6  ? 7.326   -5.472  7.616   1.00 83.68  ? 6   G   A C5    1 
ATOM   117 C C6    . G   A 1 6  ? 5.990   -5.239  8.057   1.00 82.40  ? 6   G   A C6    1 
ATOM   118 O O6    . G   A 1 6  ? 5.436   -4.163  8.310   1.00 76.46  ? 6   G   A O6    1 
ATOM   119 N N1    . G   A 1 6  ? 5.272   -6.425  8.162   1.00 79.46  ? 6   G   A N1    1 
ATOM   120 C C2    . G   A 1 6  ? 5.772   -7.674  7.892   1.00 82.19  ? 6   G   A C2    1 
ATOM   121 N N2    . G   A 1 6  ? 4.930   -8.696  8.064   1.00 89.57  ? 6   G   A N2    1 
ATOM   122 N N3    . G   A 1 6  ? 7.005   -7.906  7.476   1.00 88.37  ? 6   G   A N3    1 
ATOM   123 C C4    . G   A 1 6  ? 7.724   -6.770  7.368   1.00 89.38  ? 6   G   A C4    1 
ATOM   124 P P     . G   A 1 7  ? 9.686   -7.212  1.778   1.00 107.85 ? 7   G   A P     1 
ATOM   125 O OP1   . G   A 1 7  ? 10.054  -7.807  0.480   1.00 115.42 ? 7   G   A OP1   1 
ATOM   126 O OP2   . G   A 1 7  ? 10.053  -5.800  2.073   1.00 100.53 ? 7   G   A OP2   1 
ATOM   127 O "O5'" . G   A 1 7  ? 8.118   -7.423  1.927   1.00 87.69  ? 7   G   A "O5'" 1 
ATOM   128 C "C5'" . G   A 1 7  ? 7.507   -8.538  1.303   1.00 80.79  ? 7   G   A "C5'" 1 
ATOM   129 C "C4'" . G   A 1 7  ? 6.469   -9.135  2.196   1.00 84.36  ? 7   G   A "C4'" 1 
ATOM   130 O "O4'" . G   A 1 7  ? 6.647   -8.697  3.571   1.00 94.27  ? 7   G   A "O4'" 1 
ATOM   131 C "C3'" . G   A 1 7  ? 5.049   -8.718  1.886   1.00 92.28  ? 7   G   A "C3'" 1 
ATOM   132 O "O3'" . G   A 1 7  ? 4.534   -9.403  0.761   1.00 90.11  ? 7   G   A "O3'" 1 
ATOM   133 C "C2'" . G   A 1 7  ? 4.355   -9.098  3.178   1.00 93.32  ? 7   G   A "C2'" 1 
ATOM   134 O "O2'" . G   A 1 7  ? 4.190   -10.500 3.194   1.00 85.54  ? 7   G   A "O2'" 1 
ATOM   135 C "C1'" . G   A 1 7  ? 5.370   -8.576  4.201   1.00 87.12  ? 7   G   A "C1'" 1 
ATOM   136 N N9    . G   A 1 7  ? 5.167   -7.177  4.576   1.00 70.84  ? 7   G   A N9    1 
ATOM   137 C C8    . G   A 1 7  ? 6.071   -6.149  4.443   1.00 72.81  ? 7   G   A C8    1 
ATOM   138 N N7    . G   A 1 7  ? 5.601   -4.999  4.843   1.00 75.45  ? 7   G   A N7    1 
ATOM   139 C C5    . G   A 1 7  ? 4.313   -5.284  5.274   1.00 73.97  ? 7   G   A C5    1 
ATOM   140 C C6    . G   A 1 7  ? 3.321   -4.435  5.832   1.00 70.89  ? 7   G   A C6    1 
ATOM   141 O O6    . G   A 1 7  ? 3.391   -3.225  6.069   1.00 71.52  ? 7   G   A O6    1 
ATOM   142 N N1    . G   A 1 7  ? 2.148   -5.130  6.114   1.00 65.63  ? 7   G   A N1    1 
ATOM   143 C C2    . G   A 1 7  ? 1.954   -6.470  5.886   1.00 69.29  ? 7   G   A C2    1 
ATOM   144 N N2    . G   A 1 7  ? 0.753   -6.956  6.221   1.00 73.46  ? 7   G   A N2    1 
ATOM   145 N N3    . G   A 1 7  ? 2.883   -7.281  5.397   1.00 70.82  ? 7   G   A N3    1 
ATOM   146 C C4    . G   A 1 7  ? 4.031   -6.625  5.121   1.00 68.82  ? 7   G   A C4    1 
ATOM   147 P P     . C   A 1 8  ? 3.749   -8.598  -0.330  1.00 92.52  ? 8   C   A P     1 
ATOM   148 O OP1   . C   A 1 8  ? 3.712   -9.431  -1.561  1.00 87.16  ? 8   C   A OP1   1 
ATOM   149 O OP2   . C   A 1 8  ? 4.346   -7.238  -0.368  1.00 73.99  ? 8   C   A OP2   1 
ATOM   150 O "O5'" . C   A 1 8  ? 2.259   -8.599  0.242   1.00 81.84  ? 8   C   A "O5'" 1 
ATOM   151 C "C5'" . C   A 1 8  ? 1.652   -9.841  0.656   1.00 75.01  ? 8   C   A "C5'" 1 
ATOM   152 C "C4'" . C   A 1 8  ? 0.287   -9.640  1.286   1.00 73.79  ? 8   C   A "C4'" 1 
ATOM   153 O "O4'" . C   A 1 8  ? 0.411   -9.095  2.631   1.00 79.87  ? 8   C   A "O4'" 1 
ATOM   154 C "C3'" . C   A 1 8  ? -0.643  -8.674  0.584   1.00 74.91  ? 8   C   A "C3'" 1 
ATOM   155 O "O3'" . C   A 1 8  ? -1.253  -9.281  -0.539  1.00 68.76  ? 8   C   A "O3'" 1 
ATOM   156 C "C2'" . C   A 1 8  ? -1.596  -8.293  1.709   1.00 74.16  ? 8   C   A "C2'" 1 
ATOM   157 O "O2'" . C   A 1 8  ? -2.591  -9.219  2.064   1.00 75.88  ? 8   C   A "O2'" 1 
ATOM   158 C "C1'" . C   A 1 8  ? -0.630  -8.159  2.877   1.00 69.56  ? 8   C   A "C1'" 1 
ATOM   159 N N1    . C   A 1 8  ? -0.054  -6.805  2.955   1.00 68.07  ? 8   C   A N1    1 
ATOM   160 C C2    . C   A 1 8  ? -0.859  -5.757  3.409   1.00 65.03  ? 8   C   A C2    1 
ATOM   161 O O2    . C   A 1 8  ? -2.012  -6.001  3.766   1.00 72.31  ? 8   C   A O2    1 
ATOM   162 N N3    . C   A 1 8  ? -0.349  -4.510  3.472   1.00 66.45  ? 8   C   A N3    1 
ATOM   163 C C4    . C   A 1 8  ? 0.915   -4.290  3.110   1.00 61.27  ? 8   C   A C4    1 
ATOM   164 N N4    . C   A 1 8  ? 1.378   -3.050  3.194   1.00 64.06  ? 8   C   A N4    1 
ATOM   165 C C5    . C   A 1 8  ? 1.758   -5.335  2.643   1.00 59.94  ? 8   C   A C5    1 
ATOM   166 C C6    . C   A 1 8  ? 1.233   -6.563  2.565   1.00 66.54  ? 8   C   A C6    1 
ATOM   167 P P     . U   A 1 9  ? -1.619  -8.398  -1.804  1.00 81.94  ? 9   U   A P     1 
ATOM   168 O OP1   . U   A 1 9  ? -2.315  -9.268  -2.777  1.00 79.60  ? 9   U   A OP1   1 
ATOM   169 O OP2   . U   A 1 9  ? -0.433  -7.570  -2.189  1.00 67.26  ? 9   U   A OP2   1 
ATOM   170 O "O5'" . U   A 1 9  ? -2.741  -7.418  -1.259  1.00 75.51  ? 9   U   A "O5'" 1 
ATOM   171 C "C5'" . U   A 1 9  ? -4.064  -7.902  -1.029  1.00 71.43  ? 9   U   A "C5'" 1 
ATOM   172 C "C4'" . U   A 1 9  ? -4.873  -6.858  -0.314  1.00 66.65  ? 9   U   A "C4'" 1 
ATOM   173 O "O4'" . U   A 1 9  ? -4.160  -6.342  0.838   1.00 66.35  ? 9   U   A "O4'" 1 
ATOM   174 C "C3'" . U   A 1 9  ? -5.148  -5.608  -1.109  1.00 68.42  ? 9   U   A "C3'" 1 
ATOM   175 O "O3'" . U   A 1 9  ? -6.190  -5.896  -2.010  1.00 81.33  ? 9   U   A "O3'" 1 
ATOM   176 C "C2'" . U   A 1 9  ? -5.564  -4.662  -0.005  1.00 64.16  ? 9   U   A "C2'" 1 
ATOM   177 O "O2'" . U   A 1 9  ? -6.848  -5.003  0.479   1.00 64.34  ? 9   U   A "O2'" 1 
ATOM   178 C "C1'" . U   A 1 9  ? -4.509  -4.984  1.045   1.00 58.13  ? 9   U   A "C1'" 1 
ATOM   179 N N1    . U   A 1 9  ? -3.297  -4.162  0.935   1.00 57.50  ? 9   U   A N1    1 
ATOM   180 C C2    . U   A 1 9  ? -3.381  -2.842  1.342   1.00 61.27  ? 9   U   A C2    1 
ATOM   181 O O2    . U   A 1 9  ? -4.399  -2.341  1.772   1.00 67.77  ? 9   U   A O2    1 
ATOM   182 N N3    . U   A 1 9  ? -2.224  -2.123  1.208   1.00 64.70  ? 9   U   A N3    1 
ATOM   183 C C4    . U   A 1 9  ? -1.015  -2.570  0.737   1.00 66.03  ? 9   U   A C4    1 
ATOM   184 O O4    . U   A 1 9  ? -0.064  -1.790  0.686   1.00 72.29  ? 9   U   A O4    1 
ATOM   185 C C5    . U   A 1 9  ? -1.005  -3.942  0.334   1.00 63.11  ? 9   U   A C5    1 
ATOM   186 C C6    . U   A 1 9  ? -2.119  -4.674  0.445   1.00 60.97  ? 9   U   A C6    1 
ATOM   187 P P     . A   A 1 10 ? -6.218  -5.204  -3.415  1.00 78.18  ? 10  A   A P     1 
ATOM   188 O OP1   . A   A 1 10 ? -7.399  -5.717  -4.103  1.00 78.30  ? 10  A   A OP1   1 
ATOM   189 O OP2   . A   A 1 10 ? -4.855  -5.235  -4.004  1.00 75.58  ? 10  A   A OP2   1 
ATOM   190 O "O5'" . A   A 1 10 ? -6.396  -3.665  -3.078  1.00 87.67  ? 10  A   A "O5'" 1 
ATOM   191 C "C5'" . A   A 1 10 ? -7.691  -3.071  -2.928  1.00 87.55  ? 10  A   A "C5'" 1 
ATOM   192 C "C4'" . A   A 1 10 ? -7.505  -1.597  -2.676  1.00 82.73  ? 10  A   A "C4'" 1 
ATOM   193 O "O4'" . A   A 1 10 ? -6.302  -1.408  -1.891  1.00 83.20  ? 10  A   A "O4'" 1 
ATOM   194 C "C3'" . A   A 1 10 ? -7.350  -0.733  -3.928  1.00 77.26  ? 10  A   A "C3'" 1 
ATOM   195 O "O3'" . A   A 1 10 ? -8.336  0.286   -3.943  1.00 82.55  ? 10  A   A "O3'" 1 
ATOM   196 C "C2'" . A   A 1 10 ? -5.946  -0.138  -3.815  1.00 75.23  ? 10  A   A "C2'" 1 
ATOM   197 O "O2'" . A   A 1 10 ? -5.900  1.202   -4.278  1.00 87.27  ? 10  A   A "O2'" 1 
ATOM   198 C "C1'" . A   A 1 10 ? -5.665  -0.239  -2.318  1.00 76.59  ? 10  A   A "C1'" 1 
ATOM   199 N N9    . A   A 1 10 ? -4.241  -0.356  -2.044  1.00 64.43  ? 10  A   A N9    1 
ATOM   200 C C8    . A   A 1 10 ? -3.440  -1.464  -2.128  1.00 75.10  ? 10  A   A C8    1 
ATOM   201 N N7    . A   A 1 10 ? -2.173  -1.222  -1.891  1.00 70.22  ? 10  A   A N7    1 
ATOM   202 C C5    . A   A 1 10 ? -2.138  0.141   -1.648  1.00 67.39  ? 10  A   A C5    1 
ATOM   203 C C6    . A   A 1 10 ? -1.087  1.017   -1.344  1.00 67.08  ? 10  A   A C6    1 
ATOM   204 N N6    . A   A 1 10 ? 0.178   0.631   -1.204  1.00 78.50  ? 10  A   A N6    1 
ATOM   205 N N1    . A   A 1 10 ? -1.389  2.317   -1.146  1.00 72.09  ? 10  A   A N1    1 
ATOM   206 C C2    . A   A 1 10 ? -2.668  2.702   -1.256  1.00 73.62  ? 10  A   A C2    1 
ATOM   207 N N3    . A   A 1 10 ? -3.745  1.972   -1.544  1.00 72.58  ? 10  A   A N3    1 
ATOM   208 C C4    . A   A 1 10 ? -3.406  0.686   -1.732  1.00 67.66  ? 10  A   A C4    1 
ATOM   209 P P     . A   A 1 11 ? -9.820  -0.022  -4.450  1.00 80.85  ? 11  A   A P     1 
ATOM   210 O OP1   . A   A 1 11 ? -10.126 -1.467  -4.268  1.00 84.28  ? 11  A   A OP1   1 
ATOM   211 O OP2   . A   A 1 11 ? -10.004 0.680   -5.731  1.00 92.45  ? 11  A   A OP2   1 
ATOM   212 O "O5'" . A   A 1 11 ? -10.739 0.616   -3.329  1.00 77.70  ? 11  A   A "O5'" 1 
ATOM   213 C "C5'" . A   A 1 11 ? -12.083 1.037   -3.538  1.00 73.96  ? 11  A   A "C5'" 1 
ATOM   214 C "C4'" . A   A 1 11 ? -12.511 1.862   -2.347  1.00 78.26  ? 11  A   A "C4'" 1 
ATOM   215 O "O4'" . A   A 1 11 ? -11.785 1.417   -1.160  1.00 78.17  ? 11  A   A "O4'" 1 
ATOM   216 C "C3'" . A   A 1 11 ? -12.187 3.348   -2.449  1.00 77.89  ? 11  A   A "C3'" 1 
ATOM   217 O "O3'" . A   A 1 11 ? -13.197 4.067   -3.132  1.00 73.91  ? 11  A   A "O3'" 1 
ATOM   218 C "C2'" . A   A 1 11 ? -12.061 3.759   -0.990  1.00 75.36  ? 11  A   A "C2'" 1 
ATOM   219 O "O2'" . A   A 1 11 ? -13.302 4.003   -0.361  1.00 75.54  ? 11  A   A "O2'" 1 
ATOM   220 C "C1'" . A   A 1 11 ? -11.366 2.537   -0.395  1.00 71.51  ? 11  A   A "C1'" 1 
ATOM   221 N N9    . A   A 1 11 ? -9.911  2.622   -0.464  1.00 69.77  ? 11  A   A N9    1 
ATOM   222 C C8    . A   A 1 11 ? -9.066  1.804   -1.172  1.00 70.50  ? 11  A   A C8    1 
ATOM   223 N N7    . A   A 1 11 ? -7.801  2.127   -1.061  1.00 75.10  ? 11  A   A N7    1 
ATOM   224 C C5    . A   A 1 11 ? -7.809  3.222   -0.210  1.00 70.19  ? 11  A   A C5    1 
ATOM   225 C C6    . A   A 1 11 ? -6.779  4.030   0.293   1.00 67.45  ? 11  A   A C6    1 
ATOM   226 N N6    . A   A 1 11 ? -5.491  3.839   0.010   1.00 73.44  ? 11  A   A N6    1 
ATOM   227 N N1    . A   A 1 11 ? -7.119  5.046   1.116   1.00 65.81  ? 11  A   A N1    1 
ATOM   228 C C2    . A   A 1 11 ? -8.418  5.243   1.387   1.00 64.18  ? 11  A   A C2    1 
ATOM   229 N N3    . A   A 1 11 ? -9.482  4.558   0.961   1.00 68.22  ? 11  A   A N3    1 
ATOM   230 C C4    . A   A 1 11 ? -9.104  3.547   0.157   1.00 76.25  ? 11  A   A C4    1 
ATOM   231 P P     . G   A 1 12 ? -12.810 4.993   -4.350  1.00 84.47  ? 12  G   A P     1 
ATOM   232 O OP1   . G   A 1 12 ? -14.071 5.520   -4.919  1.00 85.85  ? 12  G   A OP1   1 
ATOM   233 O OP2   . G   A 1 12 ? -11.764 4.306   -5.192  1.00 68.11  ? 12  G   A OP2   1 
ATOM   234 O "O5'" . G   A 1 12 ? -11.978 6.180   -3.703  1.00 86.95  ? 12  G   A "O5'" 1 
ATOM   235 C "C5'" . G   A 1 12 ? -12.473 7.019   -2.652  1.00 81.37  ? 12  G   A "C5'" 1 
ATOM   236 C "C4'" . G   A 1 12 ? -11.321 7.855   -2.148  1.00 73.83  ? 12  G   A "C4'" 1 
ATOM   237 O "O4'" . G   A 1 12 ? -10.454 7.032   -1.325  1.00 72.20  ? 12  G   A "O4'" 1 
ATOM   238 C "C3'" . G   A 1 12 ? -10.376 8.390   -3.212  1.00 72.59  ? 12  G   A "C3'" 1 
ATOM   239 O "O3'" . G   A 1 12 ? -10.900 9.529   -3.861  1.00 75.95  ? 12  G   A "O3'" 1 
ATOM   240 C "C2'" . G   A 1 12 ? -9.131  8.659   -2.387  1.00 70.52  ? 12  G   A "C2'" 1 
ATOM   241 O "O2'" . G   A 1 12 ? -9.166  9.842   -1.621  1.00 72.43  ? 12  G   A "O2'" 1 
ATOM   242 C "C1'" . G   A 1 12 ? -9.102  7.403   -1.524  1.00 69.56  ? 12  G   A "C1'" 1 
ATOM   243 N N9    . G   A 1 12 ? -8.421  6.309   -2.203  1.00 69.14  ? 12  G   A N9    1 
ATOM   244 C C8    . G   A 1 12 ? -8.995  5.266   -2.888  1.00 79.20  ? 12  G   A C8    1 
ATOM   245 N N7    . G   A 1 12 ? -8.118  4.480   -3.451  1.00 85.76  ? 12  G   A N7    1 
ATOM   246 C C5    . G   A 1 12 ? -6.894  5.047   -3.133  1.00 64.23  ? 12  G   A C5    1 
ATOM   247 C C6    . G   A 1 12 ? -5.582  4.631   -3.453  1.00 62.57  ? 12  G   A C6    1 
ATOM   248 O O6    . G   A 1 12 ? -5.227  3.642   -4.104  1.00 73.58  ? 12  G   A O6    1 
ATOM   249 N N1    . G   A 1 12 ? -4.631  5.508   -2.946  1.00 58.44  ? 12  G   A N1    1 
ATOM   250 C C2    . G   A 1 12 ? -4.911  6.629   -2.201  1.00 64.56  ? 12  G   A C2    1 
ATOM   251 N N2    . G   A 1 12 ? -3.862  7.342   -1.780  1.00 71.86  ? 12  G   A N2    1 
ATOM   252 N N3    . G   A 1 12 ? -6.131  7.015   -1.880  1.00 59.87  ? 12  G   A N3    1 
ATOM   253 C C4    . G   A 1 12 ? -7.066  6.183   -2.371  1.00 61.87  ? 12  G   A C4    1 
ATOM   254 P P     . G   A 1 13 ? -10.463 9.894   -5.341  1.00 77.33  ? 13  G   A P     1 
ATOM   255 O OP1   . G   A 1 13 ? -11.048 11.226  -5.626  1.00 86.42  ? 13  G   A OP1   1 
ATOM   256 O OP2   . G   A 1 13 ? -10.783 8.751   -6.226  1.00 78.91  ? 13  G   A OP2   1 
ATOM   257 O "O5'" . G   A 1 13 ? -8.878  9.981   -5.257  1.00 61.70  ? 13  G   A "O5'" 1 
ATOM   258 C "C5'" . G   A 1 13 ? -8.248  11.205  -4.875  1.00 67.15  ? 13  G   A "C5'" 1 
ATOM   259 C "C4'" . G   A 1 13 ? -6.741  11.063  -4.847  1.00 74.42  ? 13  G   A "C4'" 1 
ATOM   260 O "O4'" . G   A 1 13 ? -6.351  9.837   -4.177  1.00 84.97  ? 13  G   A "O4'" 1 
ATOM   261 C "C3'" . G   A 1 13 ? -6.066  10.967  -6.196  1.00 73.77  ? 13  G   A "C3'" 1 
ATOM   262 O "O3'" . G   A 1 13 ? -5.988  12.255  -6.771  1.00 83.63  ? 13  G   A "O3'" 1 
ATOM   263 C "C2'" . G   A 1 13 ? -4.742  10.312  -5.840  1.00 71.66  ? 13  G   A "C2'" 1 
ATOM   264 O "O2'" . G   A 1 13 ? -3.742  11.159  -5.328  1.00 76.03  ? 13  G   A "O2'" 1 
ATOM   265 C "C1'" . G   A 1 13 ? -5.196  9.302   -4.794  1.00 75.84  ? 13  G   A "C1'" 1 
ATOM   266 N N9    . G   A 1 13 ? -5.532  7.992   -5.345  1.00 72.50  ? 13  G   A N9    1 
ATOM   267 C C8    . G   A 1 13 ? -6.777  7.421   -5.481  1.00 70.68  ? 13  G   A C8    1 
ATOM   268 N N7    . G   A 1 13 ? -6.738  6.225   -6.002  1.00 70.20  ? 13  G   A N7    1 
ATOM   269 C C5    . G   A 1 13 ? -5.388  5.996   -6.232  1.00 70.80  ? 13  G   A C5    1 
ATOM   270 C C6    . G   A 1 13 ? -4.726  4.859   -6.760  1.00 69.78  ? 13  G   A C6    1 
ATOM   271 O O6    . G   A 1 13 ? -5.218  3.790   -7.141  1.00 74.15  ? 13  G   A O6    1 
ATOM   272 N N1    . G   A 1 13 ? -3.349  5.041   -6.798  1.00 64.00  ? 13  G   A N1    1 
ATOM   273 C C2    . G   A 1 13 ? -2.692  6.175   -6.389  1.00 66.80  ? 13  G   A C2    1 
ATOM   274 N N2    . G   A 1 13 ? -1.359  6.154   -6.496  1.00 70.68  ? 13  G   A N2    1 
ATOM   275 N N3    . G   A 1 13 ? -3.295  7.237   -5.880  1.00 61.64  ? 13  G   A N3    1 
ATOM   276 C C4    . G   A 1 13 ? -4.632  7.073   -5.820  1.00 65.57  ? 13  G   A C4    1 
ATOM   277 P P     . C   A 1 14 ? -6.122  12.447  -8.358  1.00 80.93  ? 14  C   A P     1 
ATOM   278 O OP1   . C   A 1 14 ? -6.051  13.902  -8.643  1.00 93.55  ? 14  C   A OP1   1 
ATOM   279 O OP2   . C   A 1 14 ? -7.289  11.671  -8.837  1.00 68.63  ? 14  C   A OP2   1 
ATOM   280 O "O5'" . C   A 1 14 ? -4.737  11.872  -8.889  1.00 74.69  ? 14  C   A "O5'" 1 
ATOM   281 C "C5'" . C   A 1 14 ? -3.582  12.712  -8.856  1.00 72.59  ? 14  C   A "C5'" 1 
ATOM   282 C "C4'" . C   A 1 14 ? -2.355  11.883  -9.070  1.00 77.32  ? 14  C   A "C4'" 1 
ATOM   283 O "O4'" . C   A 1 14 ? -2.497  10.646  -8.346  1.00 75.87  ? 14  C   A "O4'" 1 
ATOM   284 C "C3'" . C   A 1 14 ? -2.101  11.413  -10.489 1.00 80.36  ? 14  C   A "C3'" 1 
ATOM   285 O "O3'" . C   A 1 14 ? -1.564  12.446  -11.299 1.00 82.28  ? 14  C   A "O3'" 1 
ATOM   286 C "C2'" . C   A 1 14 ? -1.142  10.266  -10.242 1.00 77.90  ? 14  C   A "C2'" 1 
ATOM   287 O "O2'" . C   A 1 14 ? 0.131   10.701  -9.826  1.00 81.32  ? 14  C   A "O2'" 1 
ATOM   288 C "C1'" . C   A 1 14 ? -1.786  9.622   -9.020  1.00 74.88  ? 14  C   A "C1'" 1 
ATOM   289 N N1    . C   A 1 14 ? -2.718  8.517   -9.290  1.00 68.97  ? 14  C   A N1    1 
ATOM   290 C C2    . C   A 1 14 ? -2.205  7.269   -9.649  1.00 70.20  ? 14  C   A C2    1 
ATOM   291 O O2    . C   A 1 14 ? -0.982  7.142   -9.800  1.00 87.69  ? 14  C   A O2    1 
ATOM   292 N N3    . C   A 1 14 ? -3.055  6.239   -9.845  1.00 64.18  ? 14  C   A N3    1 
ATOM   293 C C4    . C   A 1 14 ? -4.366  6.416   -9.673  1.00 64.03  ? 14  C   A C4    1 
ATOM   294 N N4    . C   A 1 14 ? -5.171  5.374   -9.866  1.00 71.60  ? 14  C   A N4    1 
ATOM   295 C C5    . C   A 1 14 ? -4.912  7.670   -9.291  1.00 59.14  ? 14  C   A C5    1 
ATOM   296 C C6    . C   A 1 14 ? -4.061  8.683   -9.109  1.00 63.91  ? 14  C   A C6    1 
ATOM   297 P P     . C   A 1 15 ? -2.062  12.591  -12.789 1.00 81.01  ? 15  C   A P     1 
ATOM   298 O OP1   . C   A 1 15 ? -1.497  13.843  -13.330 1.00 77.23  ? 15  C   A OP1   1 
ATOM   299 O OP2   . C   A 1 15 ? -3.538  12.385  -12.821 1.00 68.64  ? 15  C   A OP2   1 
ATOM   300 O "O5'" . C   A 1 15 ? -1.281  11.398  -13.478 1.00 70.21  ? 15  C   A "O5'" 1 
ATOM   301 C "C5'" . C   A 1 15 ? 0.140   11.463  -13.509 1.00 68.46  ? 15  C   A "C5'" 1 
ATOM   302 C "C4'" . C   A 1 15 ? 0.675   10.191  -14.078 1.00 74.20  ? 15  C   A "C4'" 1 
ATOM   303 O "O4'" . C   A 1 15 ? 0.388   9.096   -13.177 1.00 80.35  ? 15  C   A "O4'" 1 
ATOM   304 C "C3'" . C   A 1 15 ? 0.037   9.725   -15.368 1.00 76.42  ? 15  C   A "C3'" 1 
ATOM   305 O "O3'" . C   A 1 15 ? 0.542   10.459  -16.452 1.00 83.17  ? 15  C   A "O3'" 1 
ATOM   306 C "C2'" . C   A 1 15 ? 0.470   8.276   -15.389 1.00 79.10  ? 15  C   A "C2'" 1 
ATOM   307 O "O2'" . C   A 1 15 ? 1.827   8.103   -15.723 1.00 73.30  ? 15  C   A "O2'" 1 
ATOM   308 C "C1'" . C   A 1 15 ? 0.238   7.898   -13.929 1.00 79.43  ? 15  C   A "C1'" 1 
ATOM   309 N N1    . C   A 1 15 ? -1.112  7.345   -13.706 1.00 71.46  ? 15  C   A N1    1 
ATOM   310 C C2    . C   A 1 15 ? -1.327  5.987   -13.962 1.00 77.40  ? 15  C   A C2    1 
ATOM   311 O O2    . C   A 1 15 ? -0.377  5.296   -14.359 1.00 71.21  ? 15  C   A O2    1 
ATOM   312 N N3    . C   A 1 15 ? -2.561  5.461   -13.771 1.00 74.36  ? 15  C   A N3    1 
ATOM   313 C C4    . C   A 1 15 ? -3.562  6.245   -13.369 1.00 71.44  ? 15  C   A C4    1 
ATOM   314 N N4    . C   A 1 15 ? -4.764  5.692   -13.208 1.00 67.49  ? 15  C   A N4    1 
ATOM   315 C C5    . C   A 1 15 ? -3.375  7.636   -13.116 1.00 78.84  ? 15  C   A C5    1 
ATOM   316 C C6    . C   A 1 15 ? -2.150  8.142   -13.310 1.00 76.52  ? 15  C   A C6    1 
ATOM   317 P P     . C   A 1 16 ? -0.375  10.709  -17.706 1.00 83.86  ? 16  C   A P     1 
ATOM   318 O OP1   . C   A 1 16 ? 0.280   11.741  -18.532 1.00 79.01  ? 16  C   A OP1   1 
ATOM   319 O OP2   . C   A 1 16 ? -1.747  10.962  -17.228 1.00 76.59  ? 16  C   A OP2   1 
ATOM   320 O "O5'" . C   A 1 16 ? -0.350  9.289   -18.435 1.00 82.09  ? 16  C   A "O5'" 1 
ATOM   321 C "C5'" . C   A 1 16 ? 0.878   8.659   -18.862 1.00 75.07  ? 16  C   A "C5'" 1 
ATOM   322 C "C4'" . C   A 1 16 ? 0.637   7.320   -19.557 1.00 77.03  ? 16  C   A "C4'" 1 
ATOM   323 O "O4'" . C   A 1 16 ? 0.389   6.267   -18.581 1.00 79.87  ? 16  C   A "O4'" 1 
ATOM   324 C "C3'" . C   A 1 16 ? -0.531  7.199   -20.530 1.00 76.86  ? 16  C   A "C3'" 1 
ATOM   325 O "O3'" . C   A 1 16 ? -0.284  7.719   -21.835 1.00 74.02  ? 16  C   A "O3'" 1 
ATOM   326 C "C2'" . C   A 1 16 ? -0.722  5.688   -20.565 1.00 82.69  ? 16  C   A "C2'" 1 
ATOM   327 O "O2'" . C   A 1 16 ? 0.286   4.888   -21.131 1.00 85.62  ? 16  C   A "O2'" 1 
ATOM   328 C "C1'" . C   A 1 16 ? -0.578  5.351   -19.090 1.00 79.37  ? 16  C   A "C1'" 1 
ATOM   329 N N1    . C   A 1 16 ? -1.850  5.492   -18.344 1.00 71.48  ? 16  C   A N1    1 
ATOM   330 C C2    . C   A 1 16 ? -2.806  4.479   -18.446 1.00 73.31  ? 16  C   A C2    1 
ATOM   331 O O2    . C   A 1 16 ? -2.551  3.480   -19.128 1.00 65.69  ? 16  C   A O2    1 
ATOM   332 N N3    . C   A 1 16 ? -3.971  4.598   -17.771 1.00 70.24  ? 16  C   A N3    1 
ATOM   333 C C4    . C   A 1 16 ? -4.190  5.669   -17.011 1.00 72.26  ? 16  C   A C4    1 
ATOM   334 N N4    . C   A 1 16 ? -5.348  5.747   -16.363 1.00 81.75  ? 16  C   A N4    1 
ATOM   335 C C5    . C   A 1 16 ? -3.250  6.733   -16.919 1.00 77.35  ? 16  C   A C5    1 
ATOM   336 C C6    . C   A 1 16 ? -2.105  6.606   -17.597 1.00 72.90  ? 16  C   A C6    1 
ATOM   337 P P     . G   A 1 17 ? -1.328  8.725   -22.545 1.00 76.75  ? 17  G   A P     1 
ATOM   338 O OP1   . G   A 1 17 ? -0.736  9.207   -23.822 1.00 74.43  ? 17  G   A OP1   1 
ATOM   339 O OP2   . G   A 1 17 ? -1.847  9.677   -21.545 1.00 80.12  ? 17  G   A OP2   1 
ATOM   340 O "O5'" . G   A 1 17 ? -2.539  7.785   -22.962 1.00 82.52  ? 17  G   A "O5'" 1 
ATOM   341 C "C5'" . G   A 1 17 ? -2.297  6.562   -23.667 1.00 75.14  ? 17  G   A "C5'" 1 
ATOM   342 C "C4'" . G   A 1 17 ? -3.542  5.732   -23.662 1.00 72.39  ? 17  G   A "C4'" 1 
ATOM   343 O "O4'" . G   A 1 17 ? -3.693  5.091   -22.364 1.00 74.30  ? 17  G   A "O4'" 1 
ATOM   344 C "C3'" . G   A 1 17 ? -4.842  6.492   -23.850 1.00 70.16  ? 17  G   A "C3'" 1 
ATOM   345 O "O3'" . G   A 1 17 ? -5.029  6.867   -25.206 1.00 66.63  ? 17  G   A "O3'" 1 
ATOM   346 C "C2'" . G   A 1 17 ? -5.842  5.490   -23.288 1.00 73.83  ? 17  G   A "C2'" 1 
ATOM   347 O "O2'" . G   A 1 17 ? -6.202  4.502   -24.221 1.00 73.74  ? 17  G   A "O2'" 1 
ATOM   348 C "C1'" . G   A 1 17 ? -5.073  4.946   -22.072 1.00 78.54  ? 17  G   A "C1'" 1 
ATOM   349 N N9    . G   A 1 17 ? -5.389  5.737   -20.888 1.00 84.03  ? 17  G   A N9    1 
ATOM   350 C C8    . G   A 1 17 ? -4.730  6.855   -20.438 1.00 81.15  ? 17  G   A C8    1 
ATOM   351 N N7    . G   A 1 17 ? -5.322  7.421   -19.426 1.00 83.44  ? 17  G   A N7    1 
ATOM   352 C C5    . G   A 1 17 ? -6.455  6.650   -19.212 1.00 82.39  ? 17  G   A C5    1 
ATOM   353 C C6    . G   A 1 17 ? -7.479  6.773   -18.242 1.00 84.96  ? 17  G   A C6    1 
ATOM   354 O O6    . G   A 1 17 ? -7.589  7.613   -17.342 1.00 94.45  ? 17  G   A O6    1 
ATOM   355 N N1    . G   A 1 17 ? -8.427  5.762   -18.367 1.00 84.81  ? 17  G   A N1    1 
ATOM   356 C C2    . G   A 1 17 ? -8.393  4.763   -19.307 1.00 82.97  ? 17  G   A C2    1 
ATOM   357 N N2    . G   A 1 17 ? -9.405  3.882   -19.278 1.00 90.00  ? 17  G   A N2    1 
ATOM   358 N N3    . G   A 1 17 ? -7.447  4.643   -20.219 1.00 88.75  ? 17  G   A N3    1 
ATOM   359 C C4    . G   A 1 17 ? -6.511  5.608   -20.108 1.00 84.51  ? 17  G   A C4    1 
ATOM   360 P P     . A   A 1 18 ? -5.816  8.240   -25.591 1.00 71.02  ? 18  A   A P     1 
ATOM   361 O OP1   . A   A 1 18 ? -6.047  8.247   -27.040 1.00 80.45  ? 18  A   A OP1   1 
ATOM   362 O OP2   . A   A 1 18 ? -5.172  9.387   -24.922 1.00 68.84  ? 18  A   A OP2   1 
ATOM   363 O "O5'" . A   A 1 18 ? -7.272  8.042   -24.992 1.00 72.11  ? 18  A   A "O5'" 1 
ATOM   364 C "C5'" . A   A 1 18 ? -8.095  9.171   -24.716 1.00 67.25  ? 18  A   A "C5'" 1 
ATOM   365 C "C4'" . A   A 1 18 ? -9.517  8.777   -24.961 1.00 71.74  ? 18  A   A "C4'" 1 
ATOM   366 O "O4'" . A   A 1 18 ? -9.615  8.311   -26.320 1.00 79.32  ? 18  A   A "O4'" 1 
ATOM   367 C "C3'" . A   A 1 18 ? -10.010 7.613   -24.112 1.00 77.43  ? 18  A   A "C3'" 1 
ATOM   368 O "O3'" . A   A 1 18 ? -10.538 8.109   -22.894 1.00 78.07  ? 18  A   A "O3'" 1 
ATOM   369 C "C2'" . A   A 1 18 ? -11.059 6.961   -24.997 1.00 73.02  ? 18  A   A "C2'" 1 
ATOM   370 O "O2'" . A   A 1 18 ? -12.335 7.518   -24.862 1.00 74.44  ? 18  A   A "O2'" 1 
ATOM   371 C "C1'" . A   A 1 18 ? -10.484 7.201   -26.389 1.00 72.77  ? 18  A   A "C1'" 1 
ATOM   372 N N9    . A   A 1 18 ? -9.739  6.071   -26.939 1.00 71.34  ? 18  A   A N9    1 
ATOM   373 C C8    . A   A 1 18 ? -8.440  6.006   -27.389 1.00 70.62  ? 18  A   A C8    1 
ATOM   374 N N7    . A   A 1 18 ? -8.101  4.827   -27.852 1.00 64.53  ? 18  A   A N7    1 
ATOM   375 C C5    . A   A 1 18 ? -9.259  4.073   -27.716 1.00 59.92  ? 18  A   A C5    1 
ATOM   376 C C6    . A   A 1 18 ? -9.565  2.743   -28.042 1.00 57.17  ? 18  A   A C6    1 
ATOM   377 N N6    . A   A 1 18 ? -8.699  1.901   -28.599 1.00 59.92  ? 18  A   A N6    1 
ATOM   378 N N1    . A   A 1 18 ? -10.809 2.299   -27.770 1.00 62.56  ? 18  A   A N1    1 
ATOM   379 C C2    . A   A 1 18 ? -11.692 3.152   -27.240 1.00 72.07  ? 18  A   A C2    1 
ATOM   380 N N3    . A   A 1 18 ? -11.527 4.425   -26.893 1.00 78.25  ? 18  A   A N3    1 
ATOM   381 C C4    . A   A 1 18 ? -10.274 4.829   -27.161 1.00 67.34  ? 18  A   A C4    1 
ATOM   382 P P     . A   A 1 19 ? -10.085 7.464   -21.525 1.00 78.81  ? 19  A   A P     1 
ATOM   383 O OP1   . A   A 1 19 ? -10.674 8.294   -20.458 1.00 85.66  ? 19  A   A OP1   1 
ATOM   384 O OP2   . A   A 1 19 ? -8.596  7.243   -21.547 1.00 63.16  ? 19  A   A OP2   1 
ATOM   385 O "O5'" . A   A 1 19 ? -10.968 6.145   -21.523 1.00 74.69  ? 19  A   A "O5'" 1 
ATOM   386 C "C5'" . A   A 1 19 ? -12.394 6.319   -21.575 1.00 72.62  ? 19  A   A "C5'" 1 
ATOM   387 C "C4'" . A   A 1 19 ? -13.059 5.050   -22.000 1.00 72.68  ? 19  A   A "C4'" 1 
ATOM   388 O "O4'" . A   A 1 19 ? -12.675 4.747   -23.358 1.00 73.46  ? 19  A   A "O4'" 1 
ATOM   389 C "C3'" . A   A 1 19 ? -12.701 3.808   -21.189 1.00 79.14  ? 19  A   A "C3'" 1 
ATOM   390 O "O3'" . A   A 1 19 ? -13.608 3.818   -20.093 1.00 88.89  ? 19  A   A "O3'" 1 
ATOM   391 C "C2'" . A   A 1 19 ? -12.957 2.700   -22.199 1.00 81.92  ? 19  A   A "C2'" 1 
ATOM   392 O "O2'" . A   A 1 19 ? -14.315 2.329   -22.370 1.00 84.22  ? 19  A   A "O2'" 1 
ATOM   393 C "C1'" . A   A 1 19 ? -12.470 3.356   -23.488 1.00 76.78  ? 19  A   A "C1'" 1 
ATOM   394 N N9    . A   A 1 19 ? -11.060 3.116   -23.794 1.00 74.22  ? 19  A   A N9    1 
ATOM   395 C C8    . A   A 1 19 ? -9.963  3.894   -23.524 1.00 75.85  ? 19  A   A C8    1 
ATOM   396 N N7    . A   A 1 19 ? -8.838  3.392   -23.972 1.00 72.30  ? 19  A   A N7    1 
ATOM   397 C C5    . A   A 1 19 ? -9.221  2.213   -24.589 1.00 65.20  ? 19  A   A C5    1 
ATOM   398 C C6    . A   A 1 19 ? -8.496  1.223   -25.275 1.00 67.26  ? 19  A   A C6    1 
ATOM   399 N N6    . A   A 1 19 ? -7.177  1.256   -25.446 1.00 62.90  ? 19  A   A N6    1 
ATOM   400 N N1    . A   A 1 19 ? -9.179  0.163   -25.756 1.00 67.17  ? 19  A   A N1    1 
ATOM   401 C C2    . A   A 1 19 ? -10.504 0.120   -25.573 1.00 70.53  ? 19  A   A C2    1 
ATOM   402 N N3    . A   A 1 19 ? -11.296 0.988   -24.945 1.00 64.68  ? 19  A   A N3    1 
ATOM   403 C C4    . A   A 1 19 ? -10.585 2.023   -24.474 1.00 66.03  ? 19  A   A C4    1 
ATOM   404 P P     . A   A 1 20 ? -13.363 2.956   -18.796 1.00 76.44  ? 20  A   A P     1 
ATOM   405 O OP1   . A   A 1 20 ? -14.638 2.945   -18.046 1.00 84.89  ? 20  A   A OP1   1 
ATOM   406 O OP2   . A   A 1 20 ? -12.143 3.454   -18.135 1.00 72.80  ? 20  A   A OP2   1 
ATOM   407 O "O5'" . A   A 1 20 ? -13.131 1.503   -19.390 1.00 74.50  ? 20  A   A "O5'" 1 
ATOM   408 C "C5'" . A   A 1 20 ? -14.188 0.525   -19.395 1.00 76.68  ? 20  A   A "C5'" 1 
ATOM   409 C "C4'" . A   A 1 20 ? -13.760 -0.767  -20.064 1.00 79.15  ? 20  A   A "C4'" 1 
ATOM   410 O "O4'" . A   A 1 20 ? -13.172 -0.484  -21.364 1.00 84.57  ? 20  A   A "O4'" 1 
ATOM   411 C "C3'" . A   A 1 20 ? -12.714 -1.623  -19.346 1.00 78.80  ? 20  A   A "C3'" 1 
ATOM   412 O "O3'" . A   A 1 20 ? -13.280 -2.601  -18.498 1.00 86.25  ? 20  A   A "O3'" 1 
ATOM   413 C "C2'" . A   A 1 20 ? -12.106 -2.397  -20.505 1.00 77.17  ? 20  A   A "C2'" 1 
ATOM   414 O "O2'" . A   A 1 20 ? -12.919 -3.465  -20.945 1.00 77.27  ? 20  A   A "O2'" 1 
ATOM   415 C "C1'" . A   A 1 20 ? -12.034 -1.307  -21.564 1.00 74.54  ? 20  A   A "C1'" 1 
ATOM   416 N N9    . A   A 1 20 ? -10.834 -0.481  -21.447 1.00 68.52  ? 20  A   A N9    1 
ATOM   417 C C8    . A   A 1 20 ? -10.629 0.645   -20.691 1.00 68.40  ? 20  A   A C8    1 
ATOM   418 N N7    . A   A 1 20 ? -9.428  1.152   -20.813 1.00 70.26  ? 20  A   A N7    1 
ATOM   419 C C5    . A   A 1 20 ? -8.801  0.306   -21.715 1.00 64.33  ? 20  A   A C5    1 
ATOM   420 C C6    . A   A 1 20 ? -7.505  0.299   -22.259 1.00 64.11  ? 20  A   A C6    1 
ATOM   421 N N6    . A   A 1 20 ? -6.583  1.216   -21.975 1.00 79.35  ? 20  A   A N6    1 
ATOM   422 N N1    . A   A 1 20 ? -7.184  -0.698  -23.113 1.00 59.70  ? 20  A   A N1    1 
ATOM   423 C C2    . A   A 1 20 ? -8.121  -1.608  -23.413 1.00 74.68  ? 20  A   A C2    1 
ATOM   424 N N3    . A   A 1 20 ? -9.377  -1.704  -22.969 1.00 69.30  ? 20  A   A N3    1 
ATOM   425 C C4    . A   A 1 20 ? -9.653  -0.709  -22.108 1.00 67.74  ? 20  A   A C4    1 
ATOM   426 P P     . G   A 1 21 ? -12.654 -2.938  -17.070 1.00 81.48  ? 21  G   A P     1 
ATOM   427 O OP1   . G   A 1 21 ? -13.188 -4.265  -16.673 1.00 92.55  ? 21  G   A OP1   1 
ATOM   428 O OP2   . G   A 1 21 ? -12.849 -1.752  -16.218 1.00 73.13  ? 21  G   A OP2   1 
ATOM   429 O "O5'" . G   A 1 21 ? -11.084 -3.038  -17.311 1.00 84.23  ? 21  G   A "O5'" 1 
ATOM   430 C "C5'" . G   A 1 21 ? -10.403 -4.282  -17.571 1.00 82.48  ? 21  G   A "C5'" 1 
ATOM   431 C "C4'" . G   A 1 21 ? -9.102  -4.005  -18.295 1.00 80.37  ? 21  G   A "C4'" 1 
ATOM   432 O "O4'" . G   A 1 21 ? -9.183  -2.718  -18.964 1.00 80.82  ? 21  G   A "O4'" 1 
ATOM   433 C "C3'" . G   A 1 21 ? -7.870  -3.852  -17.431 1.00 74.85  ? 21  G   A "C3'" 1 
ATOM   434 O "O3'" . G   A 1 21 ? -7.295  -5.087  -17.055 1.00 83.37  ? 21  G   A "O3'" 1 
ATOM   435 C "C2'" . G   A 1 21 ? -6.940  -3.108  -18.366 1.00 73.35  ? 21  G   A "C2'" 1 
ATOM   436 O "O2'" . G   A 1 21 ? -6.362  -3.972  -19.326 1.00 72.29  ? 21  G   A "O2'" 1 
ATOM   437 C "C1'" . G   A 1 21 ? -7.906  -2.126  -19.025 1.00 69.89  ? 21  G   A "C1'" 1 
ATOM   438 N N9    . G   A 1 21 ? -7.970  -0.813  -18.392 1.00 65.70  ? 21  G   A N9    1 
ATOM   439 C C8    . G   A 1 21 ? -9.038  -0.250  -17.737 1.00 65.88  ? 21  G   A C8    1 
ATOM   440 N N7    . G   A 1 21 ? -8.789  0.953   -17.294 1.00 74.66  ? 21  G   A N7    1 
ATOM   441 C C5    . G   A 1 21 ? -7.482  1.203   -17.691 1.00 68.23  ? 21  G   A C5    1 
ATOM   442 C C6    . G   A 1 21 ? -6.661  2.343   -17.494 1.00 70.45  ? 21  G   A C6    1 
ATOM   443 O O6    . G   A 1 21 ? -6.935  3.397   -16.918 1.00 81.62  ? 21  G   A O6    1 
ATOM   444 N N1    . G   A 1 21 ? -5.405  2.177   -18.063 1.00 68.33  ? 21  G   A N1    1 
ATOM   445 C C2    . G   A 1 21 ? -4.995  1.065   -18.748 1.00 65.21  ? 21  G   A C2    1 
ATOM   446 N N2    . G   A 1 21 ? -3.743  1.091   -19.222 1.00 75.34  ? 21  G   A N2    1 
ATOM   447 N N3    . G   A 1 21 ? -5.744  -0.008  -18.932 1.00 65.91  ? 21  G   A N3    1 
ATOM   448 C C4    . G   A 1 21 ? -6.966  0.127   -18.378 1.00 65.74  ? 21  G   A C4    1 
ATOM   449 P P     . G   A 1 22 ? -6.452  -5.175  -15.691 1.00 89.73  ? 22  G   A P     1 
ATOM   450 O OP1   . G   A 1 22 ? -6.079  -6.590  -15.483 1.00 89.84  ? 22  G   A OP1   1 
ATOM   451 O OP2   . G   A 1 22 ? -7.188  -4.426  -14.630 1.00 70.01  ? 22  G   A OP2   1 
ATOM   452 O "O5'" . G   A 1 22 ? -5.103  -4.407  -16.034 1.00 76.85  ? 22  G   A "O5'" 1 
ATOM   453 C "C5'" . G   A 1 22 ? -4.126  -5.014  -16.897 1.00 75.43  ? 22  G   A "C5'" 1 
ATOM   454 C "C4'" . G   A 1 22 ? -3.071  -3.997  -17.204 1.00 75.86  ? 22  G   A "C4'" 1 
ATOM   455 O "O4'" . G   A 1 22 ? -3.729  -2.741  -17.479 1.00 70.00  ? 22  G   A "O4'" 1 
ATOM   456 C "C3'" . G   A 1 22 ? -2.165  -3.654  -16.035 1.00 82.95  ? 22  G   A "C3'" 1 
ATOM   457 O "O3'" . G   A 1 22 ? -1.123  -4.595  -15.827 1.00 91.93  ? 22  G   A "O3'" 1 
ATOM   458 C "C2'" . G   A 1 22 ? -1.655  -2.277  -16.431 1.00 78.49  ? 22  G   A "C2'" 1 
ATOM   459 O "O2'" . G   A 1 22 ? -0.629  -2.270  -17.395 1.00 77.52  ? 22  G   A "O2'" 1 
ATOM   460 C "C1'" . G   A 1 22 ? -2.889  -1.685  -17.092 1.00 70.58  ? 22  G   A "C1'" 1 
ATOM   461 N N9    . G   A 1 22 ? -3.641  -0.761  -16.259 1.00 67.62  ? 22  G   A N9    1 
ATOM   462 C C8    . G   A 1 22 ? -4.931  -0.872  -15.795 1.00 67.13  ? 22  G   A C8    1 
ATOM   463 N N7    . G   A 1 22 ? -5.333  0.190   -15.149 1.00 70.79  ? 22  G   A N7    1 
ATOM   464 C C5    . G   A 1 22 ? -4.254  1.061   -15.215 1.00 67.81  ? 22  G   A C5    1 
ATOM   465 C C6    . G   A 1 22 ? -4.093  2.364   -14.688 1.00 71.31  ? 22  G   A C6    1 
ATOM   466 O O6    . G   A 1 22 ? -4.903  3.036   -14.046 1.00 77.65  ? 22  G   A O6    1 
ATOM   467 N N1    . G   A 1 22 ? -2.834  2.882   -14.977 1.00 70.82  ? 22  G   A N1    1 
ATOM   468 C C2    . G   A 1 22 ? -1.857  2.231   -15.689 1.00 72.99  ? 22  G   A C2    1 
ATOM   469 N N2    . G   A 1 22 ? -0.707  2.894   -15.868 1.00 79.83  ? 22  G   A N2    1 
ATOM   470 N N3    . G   A 1 22 ? -1.992  1.010   -16.177 1.00 66.14  ? 22  G   A N3    1 
ATOM   471 C C4    . G   A 1 22 ? -3.204  0.487   -15.900 1.00 65.89  ? 22  G   A C4    1 
ATOM   472 O OP3   . C   B 2 1  ? 2.417   -3.410  -9.985  1.00 93.69  ? 1   C   B OP3   1 
ATOM   473 P P     . C   B 2 1  ? 2.342   -2.859  -8.487  1.00 85.33  ? 1   C   B P     1 
ATOM   474 O OP1   . C   B 2 1  ? 3.498   -3.364  -7.716  1.00 68.29  ? 1   C   B OP1   1 
ATOM   475 O OP2   . C   B 2 1  ? 0.962   -3.206  -8.065  1.00 80.13  ? 1   C   B OP2   1 
ATOM   476 O "O5'" . C   B 2 1  ? 2.580   -1.289  -8.648  1.00 69.60  ? 1   C   B "O5'" 1 
ATOM   477 C "C5'" . C   B 2 1  ? 3.916   -0.769  -8.638  1.00 71.24  ? 1   C   B "C5'" 1 
ATOM   478 C "C4'" . C   B 2 1  ? 3.918   0.737   -8.525  1.00 76.14  ? 1   C   B "C4'" 1 
ATOM   479 O "O4'" . C   B 2 1  ? 2.922   1.294   -9.408  1.00 82.31  ? 1   C   B "O4'" 1 
ATOM   480 C "C3'" . C   B 2 1  ? 3.569   1.323   -7.167  1.00 74.82  ? 1   C   B "C3'" 1 
ATOM   481 O "O3'" . C   B 2 1  ? 4.663   1.359   -6.276  1.00 77.58  ? 1   C   B "O3'" 1 
ATOM   482 C "C2'" . C   B 2 1  ? 3.124   2.728   -7.530  1.00 68.63  ? 1   C   B "C2'" 1 
ATOM   483 O "O2'" . C   B 2 1  ? 4.147   3.658   -7.775  1.00 73.53  ? 1   C   B "O2'" 1 
ATOM   484 C "C1'" . C   B 2 1  ? 2.368   2.461   -8.825  1.00 70.80  ? 1   C   B "C1'" 1 
ATOM   485 N N1    . C   B 2 1  ? 0.949   2.218   -8.593  1.00 69.12  ? 1   C   B N1    1 
ATOM   486 C C2    . C   B 2 1  ? 0.158   3.282   -8.162  1.00 66.87  ? 1   C   B C2    1 
ATOM   487 O O2    . C   B 2 1  ? 0.689   4.389   -7.991  1.00 70.89  ? 1   C   B O2    1 
ATOM   488 N N3    . C   B 2 1  ? -1.163  3.081   -7.956  1.00 61.89  ? 1   C   B N3    1 
ATOM   489 C C4    . C   B 2 1  ? -1.691  1.870   -8.147  1.00 54.94  ? 1   C   B C4    1 
ATOM   490 N N4    . C   B 2 1  ? -2.990  1.705   -7.899  1.00 54.23  ? 1   C   B N4    1 
ATOM   491 C C5    . C   B 2 1  ? -0.905  0.768   -8.582  1.00 59.92  ? 1   C   B C5    1 
ATOM   492 C C6    . C   B 2 1  ? 0.400   0.980   -8.780  1.00 67.99  ? 1   C   B C6    1 
ATOM   493 P P     . U   B 2 2  ? 4.430   0.926   -4.784  1.00 82.45  ? 2   U   B P     1 
ATOM   494 O OP1   . U   B 2 2  ? 5.725   1.041   -4.085  1.00 87.15  ? 2   U   B OP1   1 
ATOM   495 O OP2   . U   B 2 2  ? 3.655   -0.352  -4.778  1.00 67.15  ? 2   U   B OP2   1 
ATOM   496 O "O5'" . U   B 2 2  ? 3.515   2.096   -4.231  1.00 72.04  ? 2   U   B "O5'" 1 
ATOM   497 C "C5'" . U   B 2 2  ? 4.047   3.417   -4.127  1.00 66.01  ? 2   U   B "C5'" 1 
ATOM   498 C "C4'" . U   B 2 2  ? 2.984   4.350   -3.626  1.00 63.62  ? 2   U   B "C4'" 1 
ATOM   499 O "O4'" . U   B 2 2  ? 1.872   4.351   -4.550  1.00 65.32  ? 2   U   B "O4'" 1 
ATOM   500 C "C3'" . U   B 2 2  ? 2.333   3.959   -2.316  1.00 70.77  ? 2   U   B "C3'" 1 
ATOM   501 O "O3'" . U   B 2 2  ? 3.197   4.301   -1.240  1.00 73.17  ? 2   U   B "O3'" 1 
ATOM   502 C "C2'" . U   B 2 2  ? 1.061   4.783   -2.376  1.00 75.67  ? 2   U   B "C2'" 1 
ATOM   503 O "O2'" . U   B 2 2  ? 1.413   6.106   -2.049  1.00 78.37  ? 2   U   B "O2'" 1 
ATOM   504 C "C1'" . U   B 2 2  ? 0.670   4.634   -3.853  1.00 68.97  ? 2   U   B "C1'" 1 
ATOM   505 N N1    . U   B 2 2  ? -0.319  3.570   -4.141  1.00 63.56  ? 2   U   B N1    1 
ATOM   506 C C2    . U   B 2 2  ? -1.665  3.904   -4.091  1.00 64.54  ? 2   U   B C2    1 
ATOM   507 O O2    . U   B 2 2  ? -2.061  5.018   -3.813  1.00 69.11  ? 2   U   B O2    1 
ATOM   508 N N3    . U   B 2 2  ? -2.532  2.869   -4.350  1.00 63.52  ? 2   U   B N3    1 
ATOM   509 C C4    . U   B 2 2  ? -2.208  1.561   -4.643  1.00 65.24  ? 2   U   B C4    1 
ATOM   510 O O4    . U   B 2 2  ? -3.108  0.738   -4.838  1.00 66.83  ? 2   U   B O4    1 
ATOM   511 C C5    . U   B 2 2  ? -0.801  1.291   -4.668  1.00 63.35  ? 2   U   B C5    1 
ATOM   512 C C6    . U   B 2 2  ? 0.073   2.279   -4.419  1.00 61.44  ? 2   U   B C6    1 
ATOM   513 P P     . A   B 2 3  ? 3.168   3.493   0.137   1.00 80.17  ? 3   A   B P     1 
ATOM   514 O OP1   . A   B 2 3  ? 4.499   3.605   0.765   1.00 70.86  ? 3   A   B OP1   1 
ATOM   515 O OP2   . A   B 2 3  ? 2.617   2.135   -0.091  1.00 73.59  ? 3   A   B OP2   1 
ATOM   516 O "O5'" . A   B 2 3  ? 2.105   4.329   0.972   1.00 80.03  ? 3   A   B "O5'" 1 
ATOM   517 C "C5'" . A   B 2 3  ? 1.995   4.097   2.374   1.00 75.45  ? 3   A   B "C5'" 1 
ATOM   518 C "C4'" . A   B 2 3  ? 0.844   4.875   2.915   1.00 72.17  ? 3   A   B "C4'" 1 
ATOM   519 O "O4'" . A   B 2 3  ? -0.392  4.386   2.317   1.00 70.48  ? 3   A   B "O4'" 1 
ATOM   520 C "C3'" . A   B 2 3  ? 0.659   4.744   4.426   1.00 79.32  ? 3   A   B "C3'" 1 
ATOM   521 O "O3'" . A   B 2 3  ? 0.216   6.033   4.857   1.00 84.57  ? 3   A   B "O3'" 1 
ATOM   522 C "C2'" . A   B 2 3  ? -0.360  3.613   4.509   1.00 76.72  ? 3   A   B "C2'" 1 
ATOM   523 O "O2'" . A   B 2 3  ? -1.010  3.497   5.759   1.00 78.81  ? 3   A   B "O2'" 1 
ATOM   524 C "C1'" . A   B 2 3  ? -1.277  3.984   3.345   1.00 72.79  ? 3   A   B "C1'" 1 
ATOM   525 N N9    . A   B 2 3  ? -2.114  2.885   2.862   1.00 66.02  ? 3   A   B N9    1 
ATOM   526 C C8    . A   B 2 3  ? -1.688  1.712   2.300   1.00 65.88  ? 3   A   B C8    1 
ATOM   527 N N7    . A   B 2 3  ? -2.658  0.878   2.017   1.00 69.80  ? 3   A   B N7    1 
ATOM   528 C C5    . A   B 2 3  ? -3.802  1.547   2.424   1.00 56.74  ? 3   A   B C5    1 
ATOM   529 C C6    . A   B 2 3  ? -5.164  1.192   2.405   1.00 61.91  ? 3   A   B C6    1 
ATOM   530 N N6    . A   B 2 3  ? -5.624  0.035   1.917   1.00 68.21  ? 3   A   B N6    1 
ATOM   531 N N1    . A   B 2 3  ? -6.053  2.082   2.900   1.00 58.26  ? 3   A   B N1    1 
ATOM   532 C C2    . A   B 2 3  ? -5.591  3.233   3.397   1.00 58.70  ? 3   A   B C2    1 
ATOM   533 N N3    . A   B 2 3  ? -4.336  3.673   3.482   1.00 60.95  ? 3   A   B N3    1 
ATOM   534 C C4    . A   B 2 3  ? -3.482  2.779   2.956   1.00 59.36  ? 3   A   B C4    1 
ATOM   535 P P     . U   B 2 4  ? 0.255   6.507   6.401   1.00 76.96  ? 4   U   B P     1 
ATOM   536 O OP1   . U   B 2 4  ? 1.247   7.599   6.516   1.00 74.49  ? 4   U   B OP1   1 
ATOM   537 O OP2   . U   B 2 4  ? 0.447   5.314   7.267   1.00 71.05  ? 4   U   B OP2   1 
ATOM   538 O "O5'" . U   B 2 4  ? -1.218  7.105   6.506   1.00 65.26  ? 4   U   B "O5'" 1 
ATOM   539 C "C5'" . U   B 2 4  ? -1.760  7.598   7.720   1.00 70.05  ? 4   U   B "C5'" 1 
ATOM   540 C "C4'" . U   B 2 4  ? -3.261  7.647   7.637   1.00 66.59  ? 4   U   B "C4'" 1 
ATOM   541 O "O4'" . U   B 2 4  ? -3.661  8.460   6.505   1.00 69.02  ? 4   U   B "O4'" 1 
ATOM   542 C "C3'" . U   B 2 4  ? -3.973  6.321   7.445   1.00 66.88  ? 4   U   B "C3'" 1 
ATOM   543 O "O3'" . U   B 2 4  ? -4.276  5.678   8.688   1.00 69.56  ? 4   U   B "O3'" 1 
ATOM   544 C "C2'" . U   B 2 4  ? -5.278  6.786   6.822   1.00 75.17  ? 4   U   B "C2'" 1 
ATOM   545 O "O2'" . U   B 2 4  ? -6.127  7.409   7.760   1.00 85.30  ? 4   U   B "O2'" 1 
ATOM   546 C "C1'" . U   B 2 4  ? -4.792  7.882   5.875   1.00 73.97  ? 4   U   B "C1'" 1 
ATOM   547 N N1    . U   B 2 4  ? -4.402  7.379   4.546   1.00 72.03  ? 4   U   B N1    1 
ATOM   548 C C2    . U   B 2 4  ? -5.400  6.920   3.702   1.00 70.49  ? 4   U   B C2    1 
ATOM   549 O O2    . U   B 2 4  ? -6.579  6.947   3.991   1.00 64.61  ? 4   U   B O2    1 
ATOM   550 N N3    . U   B 2 4  ? -4.961  6.440   2.495   1.00 77.29  ? 4   U   B N3    1 
ATOM   551 C C4    . U   B 2 4  ? -3.661  6.369   2.050   1.00 78.28  ? 4   U   B C4    1 
ATOM   552 O O4    . U   B 2 4  ? -3.424  5.893   0.940   1.00 77.86  ? 4   U   B O4    1 
ATOM   553 C C5    . U   B 2 4  ? -2.691  6.869   2.974   1.00 77.97  ? 4   U   B C5    1 
ATOM   554 C C6    . U   B 2 4  ? -3.083  7.332   4.165   1.00 77.86  ? 4   U   B C6    1 
ATOM   555 P P     . G   B 2 5  ? -3.589  4.283   9.110   1.00 72.67  ? 5   G   B P     1 
ATOM   556 O OP1   . G   B 2 5  ? -3.870  4.117   10.545  1.00 83.90  ? 5   G   B OP1   1 
ATOM   557 O OP2   . G   B 2 5  ? -2.150  4.323   8.747   1.00 68.06  ? 5   G   B OP2   1 
ATOM   558 O "O5'" . G   B 2 5  ? -4.452  3.190   8.358   1.00 66.88  ? 5   G   B "O5'" 1 
ATOM   559 C "C5'" . G   B 2 5  ? -5.872  3.356   8.309   1.00 72.27  ? 5   G   B "C5'" 1 
ATOM   560 C "C4'" . G   B 2 5  ? -6.520  2.074   7.885   1.00 71.50  ? 5   G   B "C4'" 1 
ATOM   561 O "O4'" . G   B 2 5  ? -6.272  1.869   6.471   1.00 74.99  ? 5   G   B "O4'" 1 
ATOM   562 C "C3'" . G   B 2 5  ? -5.959  0.843   8.557   1.00 69.90  ? 5   G   B "C3'" 1 
ATOM   563 O "O3'" . G   B 2 5  ? -6.667  0.696   9.766   1.00 73.81  ? 5   G   B "O3'" 1 
ATOM   564 C "C2'" . G   B 2 5  ? -6.257  -0.230  7.529   1.00 73.07  ? 5   G   B "C2'" 1 
ATOM   565 O "O2'" . G   B 2 5  ? -7.598  -0.676  7.621   1.00 71.86  ? 5   G   B "O2'" 1 
ATOM   566 C "C1'" . G   B 2 5  ? -5.924  0.514   6.236   1.00 70.76  ? 5   G   B "C1'" 1 
ATOM   567 N N9    . G   B 2 5  ? -4.511  0.452   5.862   1.00 65.16  ? 5   G   B N9    1 
ATOM   568 C C8    . G   B 2 5  ? -3.604  1.483   5.863   1.00 61.48  ? 5   G   B C8    1 
ATOM   569 N N7    . G   B 2 5  ? -2.417  1.121   5.455   1.00 61.31  ? 5   G   B N7    1 
ATOM   570 C C5    . G   B 2 5  ? -2.546  -0.231  5.181   1.00 58.93  ? 5   G   B C5    1 
ATOM   571 C C6    . G   B 2 5  ? -1.585  -1.171  4.735   1.00 64.43  ? 5   G   B C6    1 
ATOM   572 O O6    . G   B 2 5  ? -0.388  -0.991  4.490   1.00 68.04  ? 5   G   B O6    1 
ATOM   573 N N1    . G   B 2 5  ? -2.139  -2.436  4.583   1.00 63.54  ? 5   G   B N1    1 
ATOM   574 C C2    . G   B 2 5  ? -3.451  -2.753  4.824   1.00 63.04  ? 5   G   B C2    1 
ATOM   575 N N2    . G   B 2 5  ? -3.799  -4.025  4.608   1.00 70.04  ? 5   G   B N2    1 
ATOM   576 N N3    . G   B 2 5  ? -4.356  -1.888  5.240   1.00 58.19  ? 5   G   B N3    1 
ATOM   577 C C4    . G   B 2 5  ? -3.837  -0.656  5.405   1.00 60.71  ? 5   G   B C4    1 
ATOM   578 P P     . C   B 2 6  ? -5.922  0.175   11.076  1.00 77.36  ? 6   C   B P     1 
ATOM   579 O OP1   . C   B 2 6  ? -6.832  0.403   12.227  1.00 78.77  ? 6   C   B OP1   1 
ATOM   580 O OP2   . C   B 2 6  ? -4.537  0.721   11.091  1.00 67.52  ? 6   C   B OP2   1 
ATOM   581 O "O5'" . C   B 2 6  ? -5.898  -1.396  10.852  1.00 64.09  ? 6   C   B "O5'" 1 
ATOM   582 C "C5'" . C   B 2 6  ? -4.676  -2.117  10.920  1.00 64.85  ? 6   C   B "C5'" 1 
ATOM   583 C "C4'" . C   B 2 6  ? -4.780  -3.346  10.067  1.00 66.50  ? 6   C   B "C4'" 1 
ATOM   584 O "O4'" . C   B 2 6  ? -4.524  -3.009  8.682   1.00 62.13  ? 6   C   B "O4'" 1 
ATOM   585 C "C3'" . C   B 2 6  ? -3.765  -4.413  10.411  1.00 72.18  ? 6   C   B "C3'" 1 
ATOM   586 O "O3'" . C   B 2 6  ? -4.296  -5.178  11.482  1.00 79.67  ? 6   C   B "O3'" 1 
ATOM   587 C "C2'" . C   B 2 6  ? -3.601  -5.135  9.085   1.00 68.89  ? 6   C   B "C2'" 1 
ATOM   588 O "O2'" . C   B 2 6  ? -4.593  -6.101  8.807   1.00 75.68  ? 6   C   B "O2'" 1 
ATOM   589 C "C1'" . C   B 2 6  ? -3.646  -3.956  8.114   1.00 63.98  ? 6   C   B "C1'" 1 
ATOM   590 N N1    . C   B 2 6  ? -2.346  -3.311  7.914   1.00 57.75  ? 6   C   B N1    1 
ATOM   591 C C2    . C   B 2 6  ? -1.302  -4.042  7.334   1.00 65.61  ? 6   C   B C2    1 
ATOM   592 O O2    . C   B 2 6  ? -1.511  -5.222  6.990   1.00 75.75  ? 6   C   B O2    1 
ATOM   593 N N3    . C   B 2 6  ? -0.090  -3.458  7.191   1.00 55.07  ? 6   C   B N3    1 
ATOM   594 C C4    . C   B 2 6  ? 0.078   -2.182  7.539   1.00 49.89  ? 6   C   B C4    1 
ATOM   595 N N4    . C   B 2 6  ? 1.271   -1.634  7.349   1.00 53.21  ? 6   C   B N4    1 
ATOM   596 C C5    . C   B 2 6  ? -0.974  -1.406  8.091   1.00 53.86  ? 6   C   B C5    1 
ATOM   597 C C6    . C   B 2 6  ? -2.156  -2.006  8.270   1.00 56.59  ? 6   C   B C6    1 
ATOM   598 P P     . C   B 2 7  ? -3.410  -5.461  12.759  1.00 75.56  ? 7   C   B P     1 
ATOM   599 O OP1   . C   B 2 7  ? -4.280  -6.012  13.809  1.00 80.04  ? 7   C   B OP1   1 
ATOM   600 O OP2   . C   B 2 7  ? -2.531  -4.290  12.996  1.00 74.81  ? 7   C   B OP2   1 
ATOM   601 O "O5'" . C   B 2 7  ? -2.559  -6.713  12.304  1.00 84.02  ? 7   C   B "O5'" 1 
ATOM   602 C "C5'" . C   B 2 7  ? -3.243  -7.843  11.757  1.00 88.86  ? 7   C   B "C5'" 1 
ATOM   603 C "C4'" . C   B 2 7  ? -2.233  -8.785  11.192  1.00 86.21  ? 7   C   B "C4'" 1 
ATOM   604 O "O4'" . C   B 2 7  ? -1.739  -8.259  9.936   1.00 87.92  ? 7   C   B "O4'" 1 
ATOM   605 C "C3'" . C   B 2 7  ? -0.985  -8.927  12.032  1.00 81.47  ? 7   C   B "C3'" 1 
ATOM   606 O "O3'" . C   B 2 7  ? -1.230  -9.829  13.086  1.00 96.69  ? 7   C   B "O3'" 1 
ATOM   607 C "C2'" . C   B 2 7  ? 0.007   -9.424  11.004  1.00 78.69  ? 7   C   B "C2'" 1 
ATOM   608 O "O2'" . C   B 2 7  ? -0.142  -10.788 10.697  1.00 75.65  ? 7   C   B "O2'" 1 
ATOM   609 C "C1'" . C   B 2 7  ? -0.356  -8.540  9.821   1.00 77.75  ? 7   C   B "C1'" 1 
ATOM   610 N N1    . C   B 2 7  ? 0.393   -7.270  9.792   1.00 72.59  ? 7   C   B N1    1 
ATOM   611 C C2    . C   B 2 7  ? 1.698   -7.295  9.290   1.00 65.22  ? 7   C   B C2    1 
ATOM   612 O O2    . C   B 2 7  ? 2.173   -8.376  8.926   1.00 69.12  ? 7   C   B O2    1 
ATOM   613 N N3    . C   B 2 7  ? 2.410   -6.148  9.230   1.00 58.61  ? 7   C   B N3    1 
ATOM   614 C C4    . C   B 2 7  ? 1.858   -5.003  9.631   1.00 65.28  ? 7   C   B C4    1 
ATOM   615 N N4    . C   B 2 7  ? 2.592   -3.896  9.547   1.00 69.92  ? 7   C   B N4    1 
ATOM   616 C C5    . C   B 2 7  ? 0.533   -4.948  10.163  1.00 65.78  ? 7   C   B C5    1 
ATOM   617 C C6    . C   B 2 7  ? -0.156  -6.094  10.224  1.00 64.69  ? 7   C   B C6    1 
ATOM   618 P P     . U   B 2 8  ? -0.105  -10.067 14.163  1.00 100.22 ? 8   U   B P     1 
ATOM   619 O OP1   . U   B 2 8  ? -0.632  -10.958 15.219  1.00 94.21  ? 8   U   B OP1   1 
ATOM   620 O OP2   . U   B 2 8  ? 0.477   -8.743  14.513  1.00 90.32  ? 8   U   B OP2   1 
ATOM   621 O "O5'" . U   B 2 8  ? 0.899   -11.016 13.387  1.00 85.69  ? 8   U   B "O5'" 1 
ATOM   622 C "C5'" . U   B 2 8  ? 2.140   -11.269 13.990  1.00 92.46  ? 8   U   B "C5'" 1 
ATOM   623 C "C4'" . U   B 2 8  ? 3.094   -11.871 13.007  1.00 96.32  ? 8   U   B "C4'" 1 
ATOM   624 O "O4'" . U   B 2 8  ? 3.102   -11.127 11.761  1.00 98.80  ? 8   U   B "O4'" 1 
ATOM   625 C "C3'" . U   B 2 8  ? 4.508   -11.799 13.535  1.00 105.56 ? 8   U   B "C3'" 1 
ATOM   626 O "O3'" . U   B 2 8  ? 4.565   -12.967 14.327  1.00 109.56 ? 8   U   B "O3'" 1 
ATOM   627 C "C2'" . U   B 2 8  ? 5.324   -11.655 12.268  1.00 98.50  ? 8   U   B "C2'" 1 
ATOM   628 O "O2'" . U   B 2 8  ? 5.418   -12.934 11.684  1.00 103.82 ? 8   U   B "O2'" 1 
ATOM   629 C "C1'" . U   B 2 8  ? 4.433   -10.715 11.457  1.00 100.48 ? 8   U   B "C1'" 1 
ATOM   630 N N1    . U   B 2 8  ? 4.536   -9.251  11.679  1.00 97.83  ? 8   U   B N1    1 
ATOM   631 C C2    . U   B 2 8  ? 5.711   -8.582  11.337  1.00 88.75  ? 8   U   B C2    1 
ATOM   632 O O2    . U   B 2 8  ? 6.710   -9.152  10.942  1.00 90.27  ? 8   U   B O2    1 
ATOM   633 N N3    . U   B 2 8  ? 5.675   -7.219  11.521  1.00 81.80  ? 8   U   B N3    1 
ATOM   634 C C4    . U   B 2 8  ? 4.606   -6.464  11.974  1.00 84.68  ? 8   U   B C4    1 
ATOM   635 O O4    . U   B 2 8  ? 4.732   -5.247  12.103  1.00 74.63  ? 8   U   B O4    1 
ATOM   636 C C5    . U   B 2 8  ? 3.424   -7.217  12.271  1.00 83.24  ? 8   U   B C5    1 
ATOM   637 C C6    . U   B 2 8  ? 3.427   -8.548  12.114  1.00 93.28  ? 8   U   B C6    1 
ATOM   638 P P     . G   B 2 9  ? 4.953   -12.839 15.850  1.00 103.25 ? 9   G   B P     1 
ATOM   639 O OP1   . G   B 2 9  ? 4.686   -14.158 16.467  1.00 115.83 ? 9   G   B OP1   1 
ATOM   640 O OP2   . G   B 2 9  ? 4.316   -11.637 16.425  1.00 85.45  ? 9   G   B OP2   1 
ATOM   641 O "O5'" . G   B 2 9  ? 6.499   -12.487 15.737  1.00 94.04  ? 9   G   B "O5'" 1 
ATOM   642 C "C5'" . G   B 2 9  ? 7.349   -13.310 14.915  1.00 88.10  ? 9   G   B "C5'" 1 
ATOM   643 C "C4'" . G   B 2 9  ? 8.648   -12.605 14.680  1.00 86.56  ? 9   G   B "C4'" 1 
ATOM   644 O "O4'" . G   B 2 9  ? 8.468   -11.577 13.684  1.00 86.22  ? 9   G   B "O4'" 1 
ATOM   645 C "C3'" . G   B 2 9  ? 9.197   -11.845 15.865  1.00 93.83  ? 9   G   B "C3'" 1 
ATOM   646 O "O3'" . G   B 2 9  ? 9.862   -12.769 16.698  1.00 106.36 ? 9   G   B "O3'" 1 
ATOM   647 C "C2'" . G   B 2 9  ? 10.152  -10.875 15.197  1.00 90.47  ? 9   G   B "C2'" 1 
ATOM   648 O "O2'" . G   B 2 9  ? 11.435  -11.436 15.012  1.00 93.60  ? 9   G   B "O2'" 1 
ATOM   649 C "C1'" . G   B 2 9  ? 9.376   -10.521 13.930  1.00 86.89  ? 9   G   B "C1'" 1 
ATOM   650 N N9    . G   B 2 9  ? 8.613   -9.295  14.112  1.00 93.91  ? 9   G   B N9    1 
ATOM   651 C C8    . G   B 2 9  ? 7.295   -9.176  14.483  1.00 99.23  ? 9   G   B C8    1 
ATOM   652 N N7    . G   B 2 9  ? 6.910   -7.935  14.608  1.00 95.17  ? 9   G   B N7    1 
ATOM   653 C C5    . G   B 2 9  ? 8.045   -7.191  14.314  1.00 88.21  ? 9   G   B C5    1 
ATOM   654 C C6    . G   B 2 9  ? 8.244   -5.786  14.290  1.00 92.32  ? 9   G   B C6    1 
ATOM   655 O O6    . G   B 2 9  ? 7.435   -4.888  14.542  1.00 85.68  ? 9   G   B O6    1 
ATOM   656 N N1    . G   B 2 9  ? 9.553   -5.459  13.945  1.00 95.10  ? 9   G   B N1    1 
ATOM   657 C C2    . G   B 2 9  ? 10.546  -6.367  13.672  1.00 98.99  ? 9   G   B C2    1 
ATOM   658 N N2    . G   B 2 9  ? 11.748  -5.855  13.367  1.00 115.20 ? 9   G   B N2    1 
ATOM   659 N N3    . G   B 2 9  ? 10.377  -7.680  13.707  1.00 88.97  ? 9   G   B N3    1 
ATOM   660 C C4    . G   B 2 9  ? 9.108   -8.018  14.019  1.00 90.37  ? 9   G   B C4    1 
ATOM   661 P P     . C   B 2 10 ? 10.096  -12.421 18.217  1.00 107.67 ? 10  C   B P     1 
ATOM   662 O OP1   . C   B 2 10 ? 10.942  -13.499 18.770  1.00 113.79 ? 10  C   B OP1   1 
ATOM   663 O OP2   . C   B 2 10 ? 8.776   -12.182 18.835  1.00 92.57  ? 10  C   B OP2   1 
ATOM   664 O "O5'" . C   B 2 10 ? 10.904  -11.045 18.142  1.00 87.48  ? 10  C   B "O5'" 1 
ATOM   665 C "C5'" . C   B 2 10 ? 12.319  -11.017 18.396  1.00 83.08  ? 10  C   B "C5'" 1 
ATOM   666 C "C4'" . C   B 2 10 ? 12.945  -9.743  17.893  1.00 84.90  ? 10  C   B "C4'" 1 
ATOM   667 O "O4'" . C   B 2 10 ? 12.134  -9.156  16.846  1.00 89.01  ? 10  C   B "O4'" 1 
ATOM   668 C "C3'" . C   B 2 10 ? 13.060  -8.610  18.894  1.00 93.42  ? 10  C   B "C3'" 1 
ATOM   669 O "O3'" . C   B 2 10 ? 14.079  -8.775  19.861  1.00 101.85 ? 10  C   B "O3'" 1 
ATOM   670 C "C2'" . C   B 2 10 ? 13.298  -7.428  17.970  1.00 94.26  ? 10  C   B "C2'" 1 
ATOM   671 O "O2'" . C   B 2 10 ? 14.585  -7.281  17.409  1.00 87.72  ? 10  C   B "O2'" 1 
ATOM   672 C "C1'" . C   B 2 10 ? 12.301  -7.744  16.859  1.00 92.66  ? 10  C   B "C1'" 1 
ATOM   673 N N1    . C   B 2 10 ? 10.997  -7.099  17.093  1.00 91.52  ? 10  C   B N1    1 
ATOM   674 C C2    . C   B 2 10 ? 10.920  -5.705  16.962  1.00 95.00  ? 10  C   B C2    1 
ATOM   675 O O2    . C   B 2 10 ? 11.940  -5.073  16.638  1.00 92.14  ? 10  C   B O2    1 
ATOM   676 N N3    . C   B 2 10 ? 9.737   -5.083  17.180  1.00 88.04  ? 10  C   B N3    1 
ATOM   677 C C4    . C   B 2 10 ? 8.658   -5.801  17.500  1.00 82.75  ? 10  C   B C4    1 
ATOM   678 N N4    . C   B 2 10 ? 7.512   -5.150  17.691  1.00 86.62  ? 10  C   B N4    1 
ATOM   679 C C5    . C   B 2 10 ? 8.710   -7.221  17.652  1.00 80.79  ? 10  C   B C5    1 
ATOM   680 C C6    . C   B 2 10 ? 9.890   -7.822  17.451  1.00 78.95  ? 10  C   B C6    1 
ATOM   681 P P     . U   B 2 11 ? 13.762  -8.519  21.404  1.00 109.42 ? 11  U   B P     1 
ATOM   682 O OP1   . U   B 2 11 ? 14.988  -8.817  22.181  1.00 112.32 ? 11  U   B OP1   1 
ATOM   683 O OP2   . U   B 2 11 ? 12.521  -9.279  21.729  1.00 99.99  ? 11  U   B OP2   1 
ATOM   684 O "O5'" . U   B 2 11 ? 13.677  -6.928  21.496  1.00 83.59  ? 11  U   B "O5'" 1 
ATOM   685 C "C5'" . U   B 2 11 ? 14.747  -6.110  20.996  1.00 85.33  ? 11  U   B "C5'" 1 
ATOM   686 C "C4'" . U   B 2 11 ? 14.410  -4.633  21.028  1.00 93.22  ? 11  U   B "C4'" 1 
ATOM   687 O "O4'" . U   B 2 11 ? 13.430  -4.285  20.004  1.00 104.07 ? 11  U   B "O4'" 1 
ATOM   688 C "C3'" . U   B 2 11 ? 13.822  -4.103  22.322  1.00 99.29  ? 11  U   B "C3'" 1 
ATOM   689 O "O3'" . U   B 2 11 ? 14.902  -3.785  23.182  1.00 97.37  ? 11  U   B "O3'" 1 
ATOM   690 C "C2'" . U   B 2 11 ? 13.100  -2.859  21.836  1.00 106.04 ? 11  U   B "C2'" 1 
ATOM   691 O "O2'" . U   B 2 11 ? 14.074  -1.879  21.526  1.00 102.76 ? 11  U   B "O2'" 1 
ATOM   692 C "C1'" . U   B 2 11 ? 12.476  -3.369  20.539  1.00 100.22 ? 11  U   B "C1'" 1 
ATOM   693 N N1    . U   B 2 11 ? 11.167  -4.054  20.642  1.00 92.63  ? 11  U   B N1    1 
ATOM   694 C C2    . U   B 2 11 ? 10.013  -3.292  20.548  1.00 82.97  ? 11  U   B C2    1 
ATOM   695 O O2    . U   B 2 11 ? 10.028  -2.077  20.460  1.00 86.17  ? 11  U   B O2    1 
ATOM   696 N N3    . U   B 2 11 ? 8.841   -4.012  20.583  1.00 76.70  ? 11  U   B N3    1 
ATOM   697 C C4    . U   B 2 11 ? 8.705   -5.386  20.703  1.00 83.92  ? 11  U   B C4    1 
ATOM   698 O O4    . U   B 2 11 ? 7.581   -5.888  20.739  1.00 79.79  ? 11  U   B O4    1 
ATOM   699 C C5    . U   B 2 11 ? 9.940   -6.100  20.770  1.00 80.10  ? 11  U   B C5    1 
ATOM   700 C C6    . U   B 2 11 ? 11.098  -5.430  20.728  1.00 90.26  ? 11  U   B C6    1 
ATOM   701 P P     . G   B 2 12 ? 14.865  -4.163  24.730  1.00 95.87  ? 12  G   B P     1 
ATOM   702 O OP1   . G   B 2 12 ? 16.259  -4.266  25.202  1.00 107.35 ? 12  G   B OP1   1 
ATOM   703 O OP2   . G   B 2 12 ? 13.978  -5.342  24.922  1.00 95.30  ? 12  G   B OP2   1 
ATOM   704 O "O5'" . G   B 2 12 ? 14.296  -2.823  25.371  1.00 95.65  ? 12  G   B "O5'" 1 
ATOM   705 C "C5'" . G   B 2 12 ? 14.980  -1.563  25.191  1.00 92.25  ? 12  G   B "C5'" 1 
ATOM   706 C "C4'" . G   B 2 12 ? 14.021  -0.425  25.442  1.00 103.37 ? 12  G   B "C4'" 1 
ATOM   707 O "O4'" . G   B 2 12 ? 12.808  -0.687  24.682  1.00 99.81  ? 12  G   B "O4'" 1 
ATOM   708 C "C3'" . G   B 2 12 ? 13.558  -0.234  26.889  1.00 98.72  ? 12  G   B "C3'" 1 
ATOM   709 O "O3'" . G   B 2 12 ? 13.076  1.075   27.198  1.00 94.06  ? 12  G   B "O3'" 1 
ATOM   710 C "C2'" . G   B 2 12 ? 12.332  -1.120  26.951  1.00 93.01  ? 12  G   B "C2'" 1 
ATOM   711 O "O2'" . G   B 2 12 ? 11.470  -0.710  27.984  1.00 97.74  ? 12  G   B "O2'" 1 
ATOM   712 C "C1'" . G   B 2 12 ? 11.729  -0.856  25.571  1.00 95.01  ? 12  G   B "C1'" 1 
ATOM   713 N N9    . G   B 2 12 ? 10.882  -1.935  25.085  1.00 88.74  ? 12  G   B N9    1 
ATOM   714 C C8    . G   B 2 12 ? 11.129  -3.286  25.133  1.00 88.55  ? 12  G   B C8    1 
ATOM   715 N N7    . G   B 2 12 ? 10.147  -4.001  24.661  1.00 78.61  ? 12  G   B N7    1 
ATOM   716 C C5    . G   B 2 12 ? 9.183   -3.069  24.311  1.00 76.69  ? 12  G   B C5    1 
ATOM   717 C C6    . G   B 2 12 ? 7.894   -3.248  23.762  1.00 74.69  ? 12  G   B C6    1 
ATOM   718 O O6    . G   B 2 12 ? 7.325   -4.304  23.467  1.00 73.89  ? 12  G   B O6    1 
ATOM   719 N N1    . G   B 2 12 ? 7.256   -2.033  23.545  1.00 70.84  ? 12  G   B N1    1 
ATOM   720 C C2    . G   B 2 12 ? 7.780   -0.804  23.845  1.00 69.24  ? 12  G   B C2    1 
ATOM   721 N N2    . G   B 2 12 ? 7.003   0.253   23.581  1.00 70.35  ? 12  G   B N2    1 
ATOM   722 N N3    . G   B 2 12 ? 8.981   -0.622  24.360  1.00 70.73  ? 12  G   B N3    1 
ATOM   723 C C4    . G   B 2 12 ? 9.624   -1.790  24.564  1.00 77.02  ? 12  G   B C4    1 
HETATM 724 O O1    . 8OS C 3 .  ? -3.712  3.041   -10.700 1.00 72.32  ? 101 8OS A O1    1 
HETATM 725 C C1    . 8OS C 3 .  ? -2.581  2.930   -11.155 1.00 80.67  ? 101 8OS A C1    1 
HETATM 726 N N1    . 8OS C 3 .  ? -1.752  4.029   -11.013 1.00 75.91  ? 101 8OS A N1    1 
HETATM 727 C C2    . 8OS C 3 .  ? -0.482  3.926   -11.522 1.00 86.57  ? 101 8OS A C2    1 
HETATM 728 N N2    . 8OS C 3 .  ? 0.323   4.966   -11.410 1.00 98.29  ? 101 8OS A N2    1 
HETATM 729 N N3    . 8OS C 3 .  ? -0.077  2.794   -12.134 1.00 90.44  ? 101 8OS A N3    1 
HETATM 730 C C3    . 8OS C 3 .  ? -0.914  1.741   -12.242 1.00 86.62  ? 101 8OS A C3    1 
HETATM 731 C C4    . 8OS C 3 .  ? -2.159  1.798   -11.751 1.00 80.80  ? 101 8OS A C4    1 
HETATM 732 N N4    . 8OS C 3 .  ? -2.752  0.622   -11.997 1.00 72.59  ? 101 8OS A N4    1 
HETATM 733 C C5    . 8OS C 3 .  ? -1.874  -0.147  -12.634 1.00 76.76  ? 101 8OS A C5    1 
HETATM 734 N N5    . 8OS C 3 .  ? -0.729  0.538   -12.771 1.00 81.01  ? 101 8OS A N5    1 
HETATM 735 C C6    . 8OS C 3 .  ? 0.530   0.157   -13.466 1.00 78.68  ? 101 8OS A C6    1 
HETATM 736 O O2    . 8OS C 3 .  ? 0.384   -1.208  -13.858 1.00 91.75  ? 101 8OS A O2    1 
HETATM 737 C C7    . 8OS C 3 .  ? 1.789   0.284   -12.720 1.00 82.61  ? 101 8OS A C7    1 
HETATM 738 O O3    . 8OS C 3 .  ? 2.731   0.852   -13.609 1.00 89.61  ? 101 8OS A O3    1 
HETATM 739 C C8    . 8OS C 3 .  ? 2.119   -1.154  -12.376 1.00 91.68  ? 101 8OS A C8    1 
HETATM 740 O O4    . 8OS C 3 .  ? 3.531   -1.342  -12.398 1.00 99.26  ? 101 8OS A O4    1 
HETATM 741 C C9    . 8OS C 3 .  ? 1.475   -1.973  -13.472 1.00 101.09 ? 101 8OS A C9    1 
HETATM 742 C C10   . 8OS C 3 .  ? 0.897   -3.331  -12.988 1.00 118.61 ? 101 8OS A C10   1 
HETATM 743 O O5    . 8OS C 3 .  ? -0.407  -3.166  -12.368 1.00 134.96 ? 101 8OS A O5    1 
HETATM 744 P P1    . 8OS C 3 .  ? -1.027  -4.225  -11.275 1.00 159.23 ? 101 8OS A P1    1 
HETATM 745 O O6    . 8OS C 3 .  ? -0.048  -5.287  -10.873 1.00 158.23 ? 101 8OS A O6    1 
HETATM 746 O O7    . 8OS C 3 .  ? -1.368  -3.321  -9.995  1.00 137.66 ? 101 8OS A O7    1 
HETATM 747 C C11   . 8OS C 3 .  ? -2.461  -4.641  -11.860 1.00 158.06 ? 101 8OS A C11   1 
HETATM 748 N N6    . 8OS C 3 .  ? -3.597  -4.042  -11.525 1.00 160.15 ? 101 8OS A N6    1 
HETATM 749 C C12   . 8OS C 3 .  ? -4.557  -4.662  -12.211 1.00 186.99 ? 101 8OS A C12   1 
HETATM 750 N N7    . 8OS C 3 .  ? -3.996  -5.628  -12.960 1.00 198.65 ? 101 8OS A N7    1 
HETATM 751 C C13   . 8OS C 3 .  ? -2.683  -5.608  -12.738 1.00 180.26 ? 101 8OS A C13   1 
HETATM 752 C C14   . 8OS C 3 .  ? -1.632  -6.549  -13.383 1.00 158.30 ? 101 8OS A C14   1 
HETATM 753 O O     . HOH D 4 .  ? 2.528   1.555   9.457   1.00 61.63  ? 101 HOH B O     1 
# 
loop_
_pdbx_poly_seq_scheme.asym_id 
_pdbx_poly_seq_scheme.entity_id 
_pdbx_poly_seq_scheme.seq_id 
_pdbx_poly_seq_scheme.mon_id 
_pdbx_poly_seq_scheme.ndb_seq_num 
_pdbx_poly_seq_scheme.pdb_seq_num 
_pdbx_poly_seq_scheme.auth_seq_num 
_pdbx_poly_seq_scheme.pdb_mon_id 
_pdbx_poly_seq_scheme.auth_mon_id 
_pdbx_poly_seq_scheme.pdb_strand_id 
_pdbx_poly_seq_scheme.pdb_ins_code 
_pdbx_poly_seq_scheme.hetero 
A 1 1  C 1  1  1  C C A . n 
A 1 2  U 2  2  2  U U A . n 
A 1 3  G 3  3  3  G G A . n 
A 1 4  C 4  4  4  C C A . n 
A 1 5  U 5  5  5  U U A . n 
A 1 6  G 6  6  6  G G A . n 
A 1 7  G 7  7  7  G G A . n 
A 1 8  C 8  8  8  C C A . n 
A 1 9  U 9  9  9  U U A . n 
A 1 10 A 10 10 10 A A A . n 
A 1 11 A 11 11 11 A A A . n 
A 1 12 G 12 12 12 G G A . n 
A 1 13 G 13 13 13 G G A . n 
A 1 14 C 14 14 14 C C A . n 
A 1 15 C 15 15 15 C C A . n 
A 1 16 C 16 16 16 C C A . n 
A 1 17 G 17 17 17 G G A . n 
A 1 18 A 18 18 18 A A A . n 
A 1 19 A 19 19 19 A A A . n 
A 1 20 A 20 20 20 A A A . n 
A 1 21 G 21 21 21 G G A . n 
A 1 22 G 22 22 22 G G A . n 
B 2 1  C 1  1  1  C C B . n 
B 2 2  U 2  2  2  U U B . n 
B 2 3  A 3  3  3  A A B . n 
B 2 4  U 4  4  4  U U B . n 
B 2 5  G 5  5  5  G G B . n 
B 2 6  C 6  6  6  C C B . n 
B 2 7  C 7  7  7  C C B . n 
B 2 8  U 8  8  8  U U B . n 
B 2 9  G 9  9  9  G G B . n 
B 2 10 C 10 10 10 C C B . n 
B 2 11 U 11 11 11 U U B . n 
B 2 12 G 12 12 12 G G B . n 
# 
loop_
_pdbx_nonpoly_scheme.asym_id 
_pdbx_nonpoly_scheme.entity_id 
_pdbx_nonpoly_scheme.mon_id 
_pdbx_nonpoly_scheme.ndb_seq_num 
_pdbx_nonpoly_scheme.pdb_seq_num 
_pdbx_nonpoly_scheme.auth_seq_num 
_pdbx_nonpoly_scheme.pdb_mon_id 
_pdbx_nonpoly_scheme.auth_mon_id 
_pdbx_nonpoly_scheme.pdb_strand_id 
_pdbx_nonpoly_scheme.pdb_ins_code 
C 3 8OS 1 101 1  8OS rG  A . 
D 4 HOH 1 101 13 HOH HOH B . 
# 
_pdbx_struct_assembly.id                   1 
_pdbx_struct_assembly.details              author_and_software_defined_assembly 
_pdbx_struct_assembly.method_details       PISA 
_pdbx_struct_assembly.oligomeric_details   dimeric 
_pdbx_struct_assembly.oligomeric_count     2 
# 
_pdbx_struct_assembly_gen.assembly_id       1 
_pdbx_struct_assembly_gen.oper_expression   1 
_pdbx_struct_assembly_gen.asym_id_list      A,B,C,D 
# 
loop_
_pdbx_struct_assembly_prop.biol_id 
_pdbx_struct_assembly_prop.type 
_pdbx_struct_assembly_prop.value 
_pdbx_struct_assembly_prop.details 
1 'ABSA (A^2)' 1580 ? 
1 MORE         -8   ? 
1 'SSA (A^2)'  6190 ? 
# 
_pdbx_struct_oper_list.id                   1 
_pdbx_struct_oper_list.type                 'identity operation' 
_pdbx_struct_oper_list.name                 1_555 
_pdbx_struct_oper_list.symmetry_operation   x,y,z 
_pdbx_struct_oper_list.matrix[1][1]         1.0000000000 
_pdbx_struct_oper_list.matrix[1][2]         0.0000000000 
_pdbx_struct_oper_list.matrix[1][3]         0.0000000000 
_pdbx_struct_oper_list.vector[1]            0.0000000000 
_pdbx_struct_oper_list.matrix[2][1]         0.0000000000 
_pdbx_struct_oper_list.matrix[2][2]         1.0000000000 
_pdbx_struct_oper_list.matrix[2][3]         0.0000000000 
_pdbx_struct_oper_list.vector[2]            0.0000000000 
_pdbx_struct_oper_list.matrix[3][1]         0.0000000000 
_pdbx_struct_oper_list.matrix[3][2]         0.0000000000 
_pdbx_struct_oper_list.matrix[3][3]         1.0000000000 
_pdbx_struct_oper_list.vector[3]            0.0000000000 
# 
loop_
_pdbx_audit_revision_history.ordinal 
_pdbx_audit_revision_history.data_content_type 
_pdbx_audit_revision_history.major_revision 
_pdbx_audit_revision_history.minor_revision 
_pdbx_audit_revision_history.revision_date 
1 'Structure model' 1 0 2018-02-21 
2 'Structure model' 1 1 2018-03-14 
3 'Structure model' 1 2 2023-10-04 
# 
_pdbx_audit_revision_details.ordinal             1 
_pdbx_audit_revision_details.revision_ordinal    1 
_pdbx_audit_revision_details.data_content_type   'Structure model' 
_pdbx_audit_revision_details.provider            repository 
_pdbx_audit_revision_details.type                'Initial release' 
_pdbx_audit_revision_details.description         ? 
_pdbx_audit_revision_details.details             ? 
# 
loop_
_pdbx_audit_revision_group.ordinal 
_pdbx_audit_revision_group.revision_ordinal 
_pdbx_audit_revision_group.data_content_type 
_pdbx_audit_revision_group.group 
1 2 'Structure model' 'Database references'    
2 3 'Structure model' 'Data collection'        
3 3 'Structure model' 'Database references'    
4 3 'Structure model' 'Refinement description' 
# 
loop_
_pdbx_audit_revision_category.ordinal 
_pdbx_audit_revision_category.revision_ordinal 
_pdbx_audit_revision_category.data_content_type 
_pdbx_audit_revision_category.category 
1 2 'Structure model' citation                      
2 3 'Structure model' chem_comp_atom                
3 3 'Structure model' chem_comp_bond                
4 3 'Structure model' database_2                    
5 3 'Structure model' pdbx_initial_refinement_model 
# 
loop_
_pdbx_audit_revision_item.ordinal 
_pdbx_audit_revision_item.revision_ordinal 
_pdbx_audit_revision_item.data_content_type 
_pdbx_audit_revision_item.item 
1 2 'Structure model' '_citation.journal_volume'            
2 2 'Structure model' '_citation.page_first'                
3 2 'Structure model' '_citation.page_last'                 
4 2 'Structure model' '_citation.title'                     
5 3 'Structure model' '_database_2.pdbx_DOI'                
6 3 'Structure model' '_database_2.pdbx_database_accession' 
# 
loop_
_software.citation_id 
_software.classification 
_software.compiler_name 
_software.compiler_version 
_software.contact_author 
_software.contact_author_email 
_software.date 
_software.description 
_software.dependencies 
_software.hardware 
_software.language 
_software.location 
_software.mods 
_software.name 
_software.os 
_software.os_version 
_software.type 
_software.version 
_software.pdbx_ordinal 
? refinement       ? ? ? ? ? ? ? ? ? ? ? REFMAC   ? ? ? 5.8.0135 1 
? 'data reduction' ? ? ? ? ? ? ? ? ? ? ? HKL-2000 ? ? ? .        2 
? 'data scaling'   ? ? ? ? ? ? ? ? ? ? ? HKL-2000 ? ? ? .        3 
? phasing          ? ? ? ? ? ? ? ? ? ? ? PHASER   ? ? ? .        4 
# 
loop_
_chem_comp_atom.comp_id 
_chem_comp_atom.atom_id 
_chem_comp_atom.type_symbol 
_chem_comp_atom.pdbx_aromatic_flag 
_chem_comp_atom.pdbx_stereo_config 
_chem_comp_atom.pdbx_ordinal 
8OS O1     O N N 1   
8OS C1     C N N 2   
8OS N1     N N N 3   
8OS C2     C N N 4   
8OS N2     N N N 5   
8OS N3     N N N 6   
8OS C3     C Y N 7   
8OS C4     C Y N 8   
8OS N4     N Y N 9   
8OS C5     C Y N 10  
8OS N5     N Y N 11  
8OS C6     C N R 12  
8OS O2     O N N 13  
8OS C7     C N R 14  
8OS O3     O N N 15  
8OS C8     C N S 16  
8OS O4     O N N 17  
8OS C9     C N R 18  
8OS C10    C N N 19  
8OS O5     O N N 20  
8OS P1     P N N 21  
8OS O6     O N N 22  
8OS O7     O N N 23  
8OS C11    C Y N 24  
8OS N6     N Y N 25  
8OS C12    C Y N 26  
8OS N7     N Y N 27  
8OS C13    C Y N 28  
8OS C14    C N N 29  
8OS H1     H N N 30  
8OS H2     H N N 31  
8OS H3     H N N 32  
8OS H4     H N N 33  
8OS H5     H N N 34  
8OS H6     H N N 35  
8OS H7     H N N 36  
8OS H8     H N N 37  
8OS H9     H N N 38  
8OS H10    H N N 39  
8OS H11    H N N 40  
8OS H12    H N N 41  
8OS H13    H N N 42  
8OS H14    H N N 43  
8OS H15    H N N 44  
8OS H17    H N N 45  
8OS H18    H N N 46  
8OS H19    H N N 47  
A   OP3    O N N 48  
A   P      P N N 49  
A   OP1    O N N 50  
A   OP2    O N N 51  
A   "O5'"  O N N 52  
A   "C5'"  C N N 53  
A   "C4'"  C N R 54  
A   "O4'"  O N N 55  
A   "C3'"  C N S 56  
A   "O3'"  O N N 57  
A   "C2'"  C N R 58  
A   "O2'"  O N N 59  
A   "C1'"  C N R 60  
A   N9     N Y N 61  
A   C8     C Y N 62  
A   N7     N Y N 63  
A   C5     C Y N 64  
A   C6     C Y N 65  
A   N6     N N N 66  
A   N1     N Y N 67  
A   C2     C Y N 68  
A   N3     N Y N 69  
A   C4     C Y N 70  
A   HOP3   H N N 71  
A   HOP2   H N N 72  
A   "H5'"  H N N 73  
A   "H5''" H N N 74  
A   "H4'"  H N N 75  
A   "H3'"  H N N 76  
A   "HO3'" H N N 77  
A   "H2'"  H N N 78  
A   "HO2'" H N N 79  
A   "H1'"  H N N 80  
A   H8     H N N 81  
A   H61    H N N 82  
A   H62    H N N 83  
A   H2     H N N 84  
C   OP3    O N N 85  
C   P      P N N 86  
C   OP1    O N N 87  
C   OP2    O N N 88  
C   "O5'"  O N N 89  
C   "C5'"  C N N 90  
C   "C4'"  C N R 91  
C   "O4'"  O N N 92  
C   "C3'"  C N S 93  
C   "O3'"  O N N 94  
C   "C2'"  C N R 95  
C   "O2'"  O N N 96  
C   "C1'"  C N R 97  
C   N1     N N N 98  
C   C2     C N N 99  
C   O2     O N N 100 
C   N3     N N N 101 
C   C4     C N N 102 
C   N4     N N N 103 
C   C5     C N N 104 
C   C6     C N N 105 
C   HOP3   H N N 106 
C   HOP2   H N N 107 
C   "H5'"  H N N 108 
C   "H5''" H N N 109 
C   "H4'"  H N N 110 
C   "H3'"  H N N 111 
C   "HO3'" H N N 112 
C   "H2'"  H N N 113 
C   "HO2'" H N N 114 
C   "H1'"  H N N 115 
C   H41    H N N 116 
C   H42    H N N 117 
C   H5     H N N 118 
C   H6     H N N 119 
G   OP3    O N N 120 
G   P      P N N 121 
G   OP1    O N N 122 
G   OP2    O N N 123 
G   "O5'"  O N N 124 
G   "C5'"  C N N 125 
G   "C4'"  C N R 126 
G   "O4'"  O N N 127 
G   "C3'"  C N S 128 
G   "O3'"  O N N 129 
G   "C2'"  C N R 130 
G   "O2'"  O N N 131 
G   "C1'"  C N R 132 
G   N9     N Y N 133 
G   C8     C Y N 134 
G   N7     N Y N 135 
G   C5     C Y N 136 
G   C6     C N N 137 
G   O6     O N N 138 
G   N1     N N N 139 
G   C2     C N N 140 
G   N2     N N N 141 
G   N3     N N N 142 
G   C4     C Y N 143 
G   HOP3   H N N 144 
G   HOP2   H N N 145 
G   "H5'"  H N N 146 
G   "H5''" H N N 147 
G   "H4'"  H N N 148 
G   "H3'"  H N N 149 
G   "HO3'" H N N 150 
G   "H2'"  H N N 151 
G   "HO2'" H N N 152 
G   "H1'"  H N N 153 
G   H8     H N N 154 
G   H1     H N N 155 
G   H21    H N N 156 
G   H22    H N N 157 
HOH O      O N N 158 
HOH H1     H N N 159 
HOH H2     H N N 160 
U   OP3    O N N 161 
U   P      P N N 162 
U   OP1    O N N 163 
U   OP2    O N N 164 
U   "O5'"  O N N 165 
U   "C5'"  C N N 166 
U   "C4'"  C N R 167 
U   "O4'"  O N N 168 
U   "C3'"  C N S 169 
U   "O3'"  O N N 170 
U   "C2'"  C N R 171 
U   "O2'"  O N N 172 
U   "C1'"  C N R 173 
U   N1     N N N 174 
U   C2     C N N 175 
U   O2     O N N 176 
U   N3     N N N 177 
U   C4     C N N 178 
U   O4     O N N 179 
U   C5     C N N 180 
U   C6     C N N 181 
U   HOP3   H N N 182 
U   HOP2   H N N 183 
U   "H5'"  H N N 184 
U   "H5''" H N N 185 
U   "H4'"  H N N 186 
U   "H3'"  H N N 187 
U   "HO3'" H N N 188 
U   "H2'"  H N N 189 
U   "HO2'" H N N 190 
U   "H1'"  H N N 191 
U   H3     H N N 192 
U   H5     H N N 193 
U   H6     H N N 194 
# 
loop_
_chem_comp_bond.comp_id 
_chem_comp_bond.atom_id_1 
_chem_comp_bond.atom_id_2 
_chem_comp_bond.value_order 
_chem_comp_bond.pdbx_aromatic_flag 
_chem_comp_bond.pdbx_stereo_config 
_chem_comp_bond.pdbx_ordinal 
8OS C14   C13    sing N N 1   
8OS O7    P1     doub N N 2   
8OS C13   N7     sing Y N 3   
8OS C13   C11    doub Y N 4   
8OS C10   C9     sing N N 5   
8OS C10   O5     sing N N 6   
8OS N7    C12    doub Y N 7   
8OS O4    C8     sing N N 8   
8OS P1    C11    sing N N 9   
8OS P1    O5     sing N N 10  
8OS P1    O6     sing N N 11  
8OS C11   N6     sing Y N 12  
8OS C9    C8     sing N N 13  
8OS C9    O2     sing N N 14  
8OS C8    C7     sing N N 15  
8OS C12   N6     sing Y N 16  
8OS O2    C6     sing N N 17  
8OS O3    C7     sing N N 18  
8OS C7    C6     sing N N 19  
8OS C6    N5     sing N N 20  
8OS C5    N5     sing Y N 21  
8OS C5    N4     doub Y N 22  
8OS N5    C3     sing Y N 23  
8OS N4    C4     sing Y N 24  
8OS C3    N3     sing N N 25  
8OS C3    C4     doub Y N 26  
8OS N3    C2     doub N N 27  
8OS C4    C1     sing N N 28  
8OS C2    N2     sing N N 29  
8OS C2    N1     sing N N 30  
8OS C1    N1     sing N N 31  
8OS C1    O1     doub N N 32  
8OS N1    H1     sing N N 33  
8OS N2    H2     sing N N 34  
8OS N2    H3     sing N N 35  
8OS C5    H4     sing N N 36  
8OS C6    H5     sing N N 37  
8OS C7    H6     sing N N 38  
8OS O3    H7     sing N N 39  
8OS C8    H8     sing N N 40  
8OS O4    H9     sing N N 41  
8OS C9    H10    sing N N 42  
8OS C10   H11    sing N N 43  
8OS C10   H12    sing N N 44  
8OS O6    H13    sing N N 45  
8OS N6    H14    sing N N 46  
8OS C12   H15    sing N N 47  
8OS C14   H17    sing N N 48  
8OS C14   H18    sing N N 49  
8OS C14   H19    sing N N 50  
A   OP3   P      sing N N 51  
A   OP3   HOP3   sing N N 52  
A   P     OP1    doub N N 53  
A   P     OP2    sing N N 54  
A   P     "O5'"  sing N N 55  
A   OP2   HOP2   sing N N 56  
A   "O5'" "C5'"  sing N N 57  
A   "C5'" "C4'"  sing N N 58  
A   "C5'" "H5'"  sing N N 59  
A   "C5'" "H5''" sing N N 60  
A   "C4'" "O4'"  sing N N 61  
A   "C4'" "C3'"  sing N N 62  
A   "C4'" "H4'"  sing N N 63  
A   "O4'" "C1'"  sing N N 64  
A   "C3'" "O3'"  sing N N 65  
A   "C3'" "C2'"  sing N N 66  
A   "C3'" "H3'"  sing N N 67  
A   "O3'" "HO3'" sing N N 68  
A   "C2'" "O2'"  sing N N 69  
A   "C2'" "C1'"  sing N N 70  
A   "C2'" "H2'"  sing N N 71  
A   "O2'" "HO2'" sing N N 72  
A   "C1'" N9     sing N N 73  
A   "C1'" "H1'"  sing N N 74  
A   N9    C8     sing Y N 75  
A   N9    C4     sing Y N 76  
A   C8    N7     doub Y N 77  
A   C8    H8     sing N N 78  
A   N7    C5     sing Y N 79  
A   C5    C6     sing Y N 80  
A   C5    C4     doub Y N 81  
A   C6    N6     sing N N 82  
A   C6    N1     doub Y N 83  
A   N6    H61    sing N N 84  
A   N6    H62    sing N N 85  
A   N1    C2     sing Y N 86  
A   C2    N3     doub Y N 87  
A   C2    H2     sing N N 88  
A   N3    C4     sing Y N 89  
C   OP3   P      sing N N 90  
C   OP3   HOP3   sing N N 91  
C   P     OP1    doub N N 92  
C   P     OP2    sing N N 93  
C   P     "O5'"  sing N N 94  
C   OP2   HOP2   sing N N 95  
C   "O5'" "C5'"  sing N N 96  
C   "C5'" "C4'"  sing N N 97  
C   "C5'" "H5'"  sing N N 98  
C   "C5'" "H5''" sing N N 99  
C   "C4'" "O4'"  sing N N 100 
C   "C4'" "C3'"  sing N N 101 
C   "C4'" "H4'"  sing N N 102 
C   "O4'" "C1'"  sing N N 103 
C   "C3'" "O3'"  sing N N 104 
C   "C3'" "C2'"  sing N N 105 
C   "C3'" "H3'"  sing N N 106 
C   "O3'" "HO3'" sing N N 107 
C   "C2'" "O2'"  sing N N 108 
C   "C2'" "C1'"  sing N N 109 
C   "C2'" "H2'"  sing N N 110 
C   "O2'" "HO2'" sing N N 111 
C   "C1'" N1     sing N N 112 
C   "C1'" "H1'"  sing N N 113 
C   N1    C2     sing N N 114 
C   N1    C6     sing N N 115 
C   C2    O2     doub N N 116 
C   C2    N3     sing N N 117 
C   N3    C4     doub N N 118 
C   C4    N4     sing N N 119 
C   C4    C5     sing N N 120 
C   N4    H41    sing N N 121 
C   N4    H42    sing N N 122 
C   C5    C6     doub N N 123 
C   C5    H5     sing N N 124 
C   C6    H6     sing N N 125 
G   OP3   P      sing N N 126 
G   OP3   HOP3   sing N N 127 
G   P     OP1    doub N N 128 
G   P     OP2    sing N N 129 
G   P     "O5'"  sing N N 130 
G   OP2   HOP2   sing N N 131 
G   "O5'" "C5'"  sing N N 132 
G   "C5'" "C4'"  sing N N 133 
G   "C5'" "H5'"  sing N N 134 
G   "C5'" "H5''" sing N N 135 
G   "C4'" "O4'"  sing N N 136 
G   "C4'" "C3'"  sing N N 137 
G   "C4'" "H4'"  sing N N 138 
G   "O4'" "C1'"  sing N N 139 
G   "C3'" "O3'"  sing N N 140 
G   "C3'" "C2'"  sing N N 141 
G   "C3'" "H3'"  sing N N 142 
G   "O3'" "HO3'" sing N N 143 
G   "C2'" "O2'"  sing N N 144 
G   "C2'" "C1'"  sing N N 145 
G   "C2'" "H2'"  sing N N 146 
G   "O2'" "HO2'" sing N N 147 
G   "C1'" N9     sing N N 148 
G   "C1'" "H1'"  sing N N 149 
G   N9    C8     sing Y N 150 
G   N9    C4     sing Y N 151 
G   C8    N7     doub Y N 152 
G   C8    H8     sing N N 153 
G   N7    C5     sing Y N 154 
G   C5    C6     sing N N 155 
G   C5    C4     doub Y N 156 
G   C6    O6     doub N N 157 
G   C6    N1     sing N N 158 
G   N1    C2     sing N N 159 
G   N1    H1     sing N N 160 
G   C2    N2     sing N N 161 
G   C2    N3     doub N N 162 
G   N2    H21    sing N N 163 
G   N2    H22    sing N N 164 
G   N3    C4     sing N N 165 
HOH O     H1     sing N N 166 
HOH O     H2     sing N N 167 
U   OP3   P      sing N N 168 
U   OP3   HOP3   sing N N 169 
U   P     OP1    doub N N 170 
U   P     OP2    sing N N 171 
U   P     "O5'"  sing N N 172 
U   OP2   HOP2   sing N N 173 
U   "O5'" "C5'"  sing N N 174 
U   "C5'" "C4'"  sing N N 175 
U   "C5'" "H5'"  sing N N 176 
U   "C5'" "H5''" sing N N 177 
U   "C4'" "O4'"  sing N N 178 
U   "C4'" "C3'"  sing N N 179 
U   "C4'" "H4'"  sing N N 180 
U   "O4'" "C1'"  sing N N 181 
U   "C3'" "O3'"  sing N N 182 
U   "C3'" "C2'"  sing N N 183 
U   "C3'" "H3'"  sing N N 184 
U   "O3'" "HO3'" sing N N 185 
U   "C2'" "O2'"  sing N N 186 
U   "C2'" "C1'"  sing N N 187 
U   "C2'" "H2'"  sing N N 188 
U   "O2'" "HO2'" sing N N 189 
U   "C1'" N1     sing N N 190 
U   "C1'" "H1'"  sing N N 191 
U   N1    C2     sing N N 192 
U   N1    C6     sing N N 193 
U   C2    O2     doub N N 194 
U   C2    N3     sing N N 195 
U   N3    C4     sing N N 196 
U   N3    H3     sing N N 197 
U   C4    O4     doub N N 198 
U   C4    C5     sing N N 199 
U   C5    C6     doub N N 200 
U   C5    H5     sing N N 201 
U   C6    H6     sing N N 202 
# 
loop_
_ndb_struct_conf_na.entry_id 
_ndb_struct_conf_na.feature 
5VCI 'double helix'        
5VCI 'a-form double helix' 
5VCI tetraloop             
# 
loop_
_ndb_struct_na_base_pair.model_number 
_ndb_struct_na_base_pair.i_label_asym_id 
_ndb_struct_na_base_pair.i_label_comp_id 
_ndb_struct_na_base_pair.i_label_seq_id 
_ndb_struct_na_base_pair.i_symmetry 
_ndb_struct_na_base_pair.j_label_asym_id 
_ndb_struct_na_base_pair.j_label_comp_id 
_ndb_struct_na_base_pair.j_label_seq_id 
_ndb_struct_na_base_pair.j_symmetry 
_ndb_struct_na_base_pair.shear 
_ndb_struct_na_base_pair.stretch 
_ndb_struct_na_base_pair.stagger 
_ndb_struct_na_base_pair.buckle 
_ndb_struct_na_base_pair.propeller 
_ndb_struct_na_base_pair.opening 
_ndb_struct_na_base_pair.pair_number 
_ndb_struct_na_base_pair.pair_name 
_ndb_struct_na_base_pair.i_auth_asym_id 
_ndb_struct_na_base_pair.i_auth_seq_id 
_ndb_struct_na_base_pair.i_PDB_ins_code 
_ndb_struct_na_base_pair.j_auth_asym_id 
_ndb_struct_na_base_pair.j_auth_seq_id 
_ndb_struct_na_base_pair.j_PDB_ins_code 
_ndb_struct_na_base_pair.hbond_type_28 
_ndb_struct_na_base_pair.hbond_type_12 
1 A C 1  1_555 B G 12 1_555 -0.301 -0.119 -0.313 -1.714  -20.263 0.936   1  A_C1:G12_B  A 1  ? B 12 ? 19 1 
1 A U 2  1_555 B U 11 1_555 -1.914 -1.673 0.465  -2.369  -15.784 16.568  2  A_U2:U11_B  A 2  ? B 11 ? 16 1 
1 A G 3  1_555 B C 10 1_555 -0.087 -0.267 0.131  -3.062  -21.591 0.629   3  A_G3:C10_B  A 3  ? B 10 ? 19 1 
1 A C 4  1_555 B G 9  1_555 0.156  -0.332 0.181  0.855   -10.854 -4.773  4  A_C4:G9_B   A 4  ? B 9  ? 19 1 
1 A U 5  1_555 B U 8  1_555 -1.907 -1.165 0.010  0.421   -7.898  -21.747 5  A_U5:U8_B   A 5  ? B 8  ? ?  ? 
1 A G 6  1_555 B C 7  1_555 -0.293 0.044  0.016  -3.187  -4.572  1.229   6  A_G6:C7_B   A 6  ? B 7  ? 19 1 
1 A G 7  1_555 B C 6  1_555 -0.188 -0.054 -0.042 0.602   -7.092  -1.738  7  A_G7:C6_B   A 7  ? B 6  ? 19 1 
1 A C 8  1_555 B G 5  1_555 0.242  -0.079 0.178  -0.112  -4.657  0.780   8  A_C8:G5_B   A 8  ? B 5  ? 19 1 
1 B A 3  1_555 A U 9  1_555 -4.368 -2.423 -0.457 13.318  -0.924  -83.486 9  B_A3:U9_A   B 3  ? A 9  ? 24 4 
1 A A 11 1_555 B U 4  1_555 -0.129 -0.026 -0.575 -22.998 18.030  -1.394  10 A_A11:U4_B  A 11 ? B 4  ? 20 1 
1 A G 12 1_555 B U 2  1_555 -2.328 -0.592 -0.162 -6.270  -19.846 0.144   11 A_G12:U2_B  A 12 ? B 2  ? 28 1 
1 A G 13 1_555 B C 1  1_555 0.444  0.156  -0.094 -2.518  -10.747 -0.440  12 A_G13:C1_B  A 13 ? B 1  ? 19 1 
1 A C 15 1_555 A G 22 1_555 0.436  -0.262 -0.448 8.423   -11.044 -1.209  13 A_C15:G22_A A 15 ? A 22 ? 19 1 
1 A C 16 1_555 A G 21 1_555 0.597  -0.294 0.141  0.750   6.880   1.670   14 A_C16:G21_A A 16 ? A 21 ? 19 1 
1 A G 17 1_555 A A 20 1_555 7.137  -5.085 0.891  13.934  -0.005  -11.008 15 A_G17:A20_A A 17 ? A 20 ? ?  ? 
# 
loop_
_ndb_struct_na_base_pair_step.model_number 
_ndb_struct_na_base_pair_step.i_label_asym_id_1 
_ndb_struct_na_base_pair_step.i_label_comp_id_1 
_ndb_struct_na_base_pair_step.i_label_seq_id_1 
_ndb_struct_na_base_pair_step.i_symmetry_1 
_ndb_struct_na_base_pair_step.j_label_asym_id_1 
_ndb_struct_na_base_pair_step.j_label_comp_id_1 
_ndb_struct_na_base_pair_step.j_label_seq_id_1 
_ndb_struct_na_base_pair_step.j_symmetry_1 
_ndb_struct_na_base_pair_step.i_label_asym_id_2 
_ndb_struct_na_base_pair_step.i_label_comp_id_2 
_ndb_struct_na_base_pair_step.i_label_seq_id_2 
_ndb_struct_na_base_pair_step.i_symmetry_2 
_ndb_struct_na_base_pair_step.j_label_asym_id_2 
_ndb_struct_na_base_pair_step.j_label_comp_id_2 
_ndb_struct_na_base_pair_step.j_label_seq_id_2 
_ndb_struct_na_base_pair_step.j_symmetry_2 
_ndb_struct_na_base_pair_step.shift 
_ndb_struct_na_base_pair_step.slide 
_ndb_struct_na_base_pair_step.rise 
_ndb_struct_na_base_pair_step.tilt 
_ndb_struct_na_base_pair_step.roll 
_ndb_struct_na_base_pair_step.twist 
_ndb_struct_na_base_pair_step.x_displacement 
_ndb_struct_na_base_pair_step.y_displacement 
_ndb_struct_na_base_pair_step.helical_rise 
_ndb_struct_na_base_pair_step.inclination 
_ndb_struct_na_base_pair_step.tip 
_ndb_struct_na_base_pair_step.helical_twist 
_ndb_struct_na_base_pair_step.step_number 
_ndb_struct_na_base_pair_step.step_name 
_ndb_struct_na_base_pair_step.i_auth_asym_id_1 
_ndb_struct_na_base_pair_step.i_auth_seq_id_1 
_ndb_struct_na_base_pair_step.i_PDB_ins_code_1 
_ndb_struct_na_base_pair_step.j_auth_asym_id_1 
_ndb_struct_na_base_pair_step.j_auth_seq_id_1 
_ndb_struct_na_base_pair_step.j_PDB_ins_code_1 
_ndb_struct_na_base_pair_step.i_auth_asym_id_2 
_ndb_struct_na_base_pair_step.i_auth_seq_id_2 
_ndb_struct_na_base_pair_step.i_PDB_ins_code_2 
_ndb_struct_na_base_pair_step.j_auth_asym_id_2 
_ndb_struct_na_base_pair_step.j_auth_seq_id_2 
_ndb_struct_na_base_pair_step.j_PDB_ins_code_2 
1 A C 1  1_555 B G 12 1_555 A U 2  1_555 B U 11 1_555 0.597  -0.697 3.189  -13.933  16.317   29.359 -3.173 -2.713 2.068 27.973  
23.885 36.224  1  AA_C1U2:U11G12_BB   A 1  ? B 12 ? A 2  ? B 11 ? 
1 A U 2  1_555 B U 11 1_555 A G 3  1_555 B C 10 1_555 -0.920 -0.683 3.333  0.740    9.142    45.551 -1.639 1.230  3.133 11.668  
-0.945 46.417  2  AA_U2G3:C10U11_BB   A 2  ? B 11 ? A 3  ? B 10 ? 
1 A G 3  1_555 B C 10 1_555 A C 4  1_555 B G 9  1_555 -0.514 -1.601 3.086  -1.048   7.069    29.856 -4.266 0.788  2.662 13.479  
1.997  30.680  3  AA_G3C4:G9C10_BB    A 3  ? B 10 ? A 4  ? B 9  ? 
1 A C 4  1_555 B G 9  1_555 A U 5  1_555 B U 8  1_555 -0.486 -2.035 3.209  -0.816   7.562    23.406 -6.843 0.919  2.455 18.041  
1.946  24.595  4  AA_C4U5:U8G9_BB     A 4  ? B 9  ? A 5  ? B 8  ? 
1 A U 5  1_555 B U 8  1_555 A G 6  1_555 B C 7  1_555 1.575  -1.634 3.403  1.304    5.037    41.278 -2.845 -2.078 3.236 7.110   
-1.841 41.590  5  AA_U5G6:C7U8_BB     A 5  ? B 8  ? A 6  ? B 7  ? 
1 A G 6  1_555 B C 7  1_555 A G 7  1_555 B C 6  1_555 0.608  -1.927 3.072  0.444    6.639    30.025 -4.779 -1.070 2.605 12.620  
-0.843 30.737  6  AA_G6G7:C6C7_BB     A 6  ? B 7  ? A 7  ? B 6  ? 
1 A G 7  1_555 B C 6  1_555 A C 8  1_555 B G 5  1_555 -0.801 -2.452 3.277  -3.506   -0.308   32.123 -4.352 0.806  3.366 -0.554  
6.312  32.310  7  AA_G7C8:G5C6_BB     A 7  ? B 6  ? A 8  ? B 5  ? 
1 A C 8  1_555 B G 5  1_555 B A 3  1_555 A U 9  1_555 -0.562 -4.754 -0.976 -135.922 -102.325 47.911 -2.062 -0.147 2.623 -52.922 
70.299 170.984 8  AB_C8A3:U9G5_AB     A 8  ? B 5  ? B 3  ? A 9  ? 
1 B A 3  1_555 A U 9  1_555 A A 11 1_555 B U 4  1_555 -2.476 3.737  2.521  -147.252 -17.475  63.747 2.105  -0.279 3.063 -9.601  
80.902 153.166 9  BA_A3A11:U4U9_BA    B 3  ? A 9  ? A 11 ? B 4  ? 
1 A A 11 1_555 B U 4  1_555 A G 12 1_555 B U 2  1_555 4.474  -0.123 2.808  -7.399   28.267   61.192 -0.987 -4.271 2.092 26.234  
6.867  67.195  10 AA_A11G12:U2U4_BB   A 11 ? B 4  ? A 12 ? B 2  ? 
1 A G 12 1_555 B U 2  1_555 A G 13 1_555 B C 1  1_555 0.012  -1.717 3.143  -4.426   7.315    40.851 -3.119 -0.445 2.793 10.343  
6.258  41.699  11 AA_G12G13:C1U2_BB   A 12 ? B 2  ? A 13 ? B 1  ? 
1 A G 13 1_555 B C 1  1_555 A C 15 1_555 A G 22 1_555 -0.566 -3.165 6.304  -1.237   9.139    61.384 -3.859 0.443  5.837 8.898   
1.205  62.007  12 AA_G13C15:G22C1_AB  A 13 ? B 1  ? A 15 ? A 22 ? 
1 A C 15 1_555 A G 22 1_555 A C 16 1_555 A G 21 1_555 -0.027 -1.897 3.562  -3.911   9.277    32.269 -4.788 -0.595 2.904 16.206  
6.831  33.763  13 AA_C15C16:G21G22_AA A 15 ? A 22 ? A 16 ? A 21 ? 
1 A C 16 1_555 A G 21 1_555 A G 17 1_555 A A 20 1_555 -1.523 -1.127 2.840  1.273    11.497   52.392 -1.851 1.757  2.524 12.844  
-1.422 53.565  14 AA_C16G17:A20G21_AA A 16 ? A 21 ? A 17 ? A 20 ? 
# 
loop_
_pdbx_entity_nonpoly.entity_id 
_pdbx_entity_nonpoly.name 
_pdbx_entity_nonpoly.comp_id 
3 "5'-O-[(S)-hydroxy(4-methyl-1H-imidazol-5-yl)phosphoryl]guanosine" 8OS 
4 water                                                              HOH 
# 
_pdbx_initial_refinement_model.id               1 
_pdbx_initial_refinement_model.entity_id_list   ? 
_pdbx_initial_refinement_model.type             'experimental model' 
_pdbx_initial_refinement_model.source_name      PDB 
_pdbx_initial_refinement_model.accession_code   4FNJ 
_pdbx_initial_refinement_model.details          ? 
# 
_pdbx_struct_assembly_auth_evidence.id                     1 
_pdbx_struct_assembly_auth_evidence.assembly_id            1 
_pdbx_struct_assembly_auth_evidence.experimental_support   none 
_pdbx_struct_assembly_auth_evidence.details                ? 
# 
